data_6JOU
#
_entry.id   6JOU
#
_cell.length_a   98.955
_cell.length_b   108.170
_cell.length_c   169.812
_cell.angle_alpha   90.000
_cell.angle_beta   90.000
_cell.angle_gamma   90.000
#
_symmetry.space_group_name_H-M   'P 21 21 21'
#
loop_
_entity.id
_entity.type
_entity.pdbx_description
1 polymer 'Histone H3.1'
2 polymer 'Histone H4'
3 polymer 'Histone H2A.Z'
4 polymer 'Histone H2B type 1-J'
5 polymer 'DNA (146-MER)'
6 non-polymer 'MANGANESE (II) ION'
7 water water
#
loop_
_entity_poly.entity_id
_entity_poly.type
_entity_poly.pdbx_seq_one_letter_code
_entity_poly.pdbx_strand_id
1 'polypeptide(L)'
;GSHMARTKQTARKSTGGKAPRKQLATKAARKSAPATGGVKKPHRYRPGTVALREIRRYQKSTELLIRKLPFQRLVREIAQ
DFKTDLRFQSSAVMALQEACEAYLVGLFEDTNLCAIHAKRVTIMPKDIQLARRIRGERA
;
A,E
2 'polypeptide(L)'
;GSHMSGRGKGGKGLGKGGAKRHRKVLRDNIQGITKPAIRRLARRGGVKRISGLIYEETRGVLKVFLENVIRDAVTYTEHA
KRKTVTAMDVVYALKRQGRTLYGFGG
;
B,F
3 'polypeptide(L)'
;GSHMAGGKAGKDSGKAKTKAVSRSQRAGLQFPVGRIHRHLKSRTTRHGRVGATAAVYSAAILEYLTAEVLELAGNASKDL
KVKRITPRHLQLAIRGDEELDSLIKATIAGGGVIPHIHKSLIGKKGQQKTV
;
C,G
4 'polypeptide(L)'
;GSHMPEPAKSAPAPKKGSKKAVTKAQKKDGKKRKRSRKESYSIYVYKVLKQVHPDTGISSKAMGIMNSFVNDIFERIAGE
ASRLAHYNKRSTITSREIQTAVRLLLPGELAKHAVSEGTKAVTKYTSAK
;
D,H
5 'polydeoxyribonucleotide'
;(DA)(DT)(DC)(DA)(DA)(DT)(DA)(DT)(DC)(DC)(DA)(DC)(DC)(DT)(DG)(DC)(DA)(DG)(DA)(DT)
(DT)(DC)(DT)(DA)(DC)(DC)(DA)(DA)(DA)(DA)(DG)(DT)(DG)(DT)(DA)(DT)(DT)(DT)(DG)(DG)
(DA)(DA)(DA)(DC)(DT)(DG)(DC)(DT)(DC)(DC)(DA)(DT)(DC)(DA)(DA)(DA)(DA)(DG)(DG)(DC)
(DA)(DT)(DG)(DT)(DT)(DC)(DA)(DG)(DC)(DT)(DG)(DA)(DA)(DT)(DT)(DC)(DA)(DG)(DC)(DT)
(DG)(DA)(DA)(DC)(DA)(DT)(DG)(DC)(DC)(DT)(DT)(DT)(DT)(DG)(DA)(DT)(DG)(DG)(DA)(DG)
(DC)(DA)(DG)(DT)(DT)(DT)(DC)(DC)(DA)(DA)(DA)(DT)(DA)(DC)(DA)(DC)(DT)(DT)(DT)(DT)
(DG)(DG)(DT)(DA)(DG)(DA)(DA)(DT)(DC)(DT)(DG)(DC)(DA)(DG)(DG)(DT)(DG)(DG)(DA)(DT)
(DA)(DT)(DT)(DG)(DA)(DT)
;
I,J
#
# COMPACT_ATOMS: atom_id res chain seq x y z
N PRO A 42 -45.96 -30.71 8.84
CA PRO A 42 -45.11 -29.59 9.30
C PRO A 42 -44.10 -29.18 8.22
N HIS A 43 -44.00 -27.89 7.93
CA HIS A 43 -43.14 -27.43 6.85
C HIS A 43 -41.68 -27.38 7.31
N ARG A 44 -40.80 -27.85 6.43
CA ARG A 44 -39.35 -27.82 6.62
C ARG A 44 -38.69 -27.40 5.32
N TYR A 45 -37.81 -26.41 5.39
CA TYR A 45 -36.96 -26.13 4.25
C TYR A 45 -35.78 -27.07 4.24
N ARG A 46 -35.33 -27.43 3.05
CA ARG A 46 -34.17 -28.31 2.92
C ARG A 46 -32.88 -27.54 3.23
N PRO A 47 -31.87 -28.21 3.78
CA PRO A 47 -30.60 -27.53 4.11
C PRO A 47 -30.06 -26.74 2.93
N GLY A 48 -29.72 -25.47 3.18
CA GLY A 48 -29.23 -24.58 2.15
C GLY A 48 -30.26 -23.60 1.61
N THR A 49 -31.56 -23.94 1.68
CA THR A 49 -32.57 -23.00 1.18
C THR A 49 -32.59 -21.74 2.03
N VAL A 50 -32.56 -21.92 3.36
CA VAL A 50 -32.60 -20.75 4.24
C VAL A 50 -31.25 -20.02 4.21
N ALA A 51 -30.13 -20.73 4.07
CA ALA A 51 -28.83 -20.07 3.94
C ALA A 51 -28.81 -19.15 2.73
N LEU A 52 -29.27 -19.65 1.58
CA LEU A 52 -29.36 -18.81 0.39
C LEU A 52 -30.23 -17.59 0.65
N ARG A 53 -31.40 -17.80 1.27
CA ARG A 53 -32.26 -16.67 1.59
C ARG A 53 -31.55 -15.64 2.47
N GLU A 54 -30.79 -16.11 3.46
CA GLU A 54 -30.05 -15.20 4.33
C GLU A 54 -29.00 -14.42 3.53
N ILE A 55 -28.31 -15.09 2.61
CA ILE A 55 -27.34 -14.37 1.77
C ILE A 55 -28.02 -13.22 1.05
N ARG A 56 -29.12 -13.50 0.34
CA ARG A 56 -29.80 -12.39 -0.36
C ARG A 56 -30.23 -11.30 0.63
N ARG A 57 -30.69 -11.70 1.81
CA ARG A 57 -31.15 -10.72 2.81
C ARG A 57 -30.02 -9.80 3.25
N TYR A 58 -28.90 -10.36 3.71
CA TYR A 58 -27.84 -9.53 4.26
C TYR A 58 -27.00 -8.85 3.20
N GLN A 59 -27.01 -9.33 1.96
CA GLN A 59 -26.37 -8.57 0.89
C GLN A 59 -27.26 -7.45 0.40
N LYS A 60 -28.57 -7.51 0.64
CA LYS A 60 -29.44 -6.38 0.32
C LYS A 60 -29.28 -5.25 1.32
N SER A 61 -28.97 -5.55 2.58
CA SER A 61 -29.00 -4.56 3.65
C SER A 61 -27.59 -4.04 3.96
N THR A 62 -27.56 -2.96 4.76
CA THR A 62 -26.32 -2.31 5.12
C THR A 62 -26.10 -2.19 6.62
N GLU A 63 -27.02 -2.69 7.45
CA GLU A 63 -26.86 -2.44 8.87
C GLU A 63 -25.73 -3.29 9.46
N LEU A 64 -25.24 -2.85 10.59
CA LEU A 64 -24.18 -3.59 11.27
C LEU A 64 -24.72 -4.91 11.79
N LEU A 65 -23.87 -5.92 11.76
CA LEU A 65 -24.26 -7.28 12.03
C LEU A 65 -23.79 -7.78 13.38
N ILE A 66 -22.84 -7.10 14.02
CA ILE A 66 -22.40 -7.42 15.37
C ILE A 66 -23.18 -6.55 16.33
N ARG A 67 -23.60 -7.09 17.47
CA ARG A 67 -24.42 -6.28 18.37
C ARG A 67 -23.55 -5.25 19.07
N LYS A 68 -24.17 -4.11 19.42
CA LYS A 68 -23.38 -2.93 19.76
C LYS A 68 -22.62 -3.11 21.06
N LEU A 69 -23.33 -3.50 22.13
CA LEU A 69 -22.70 -3.52 23.46
C LEU A 69 -21.54 -4.48 23.55
N PRO A 70 -21.62 -5.74 23.11
CA PRO A 70 -20.45 -6.61 23.24
C PRO A 70 -19.27 -6.14 22.38
N PHE A 71 -19.52 -5.52 21.22
CA PHE A 71 -18.39 -4.99 20.46
C PHE A 71 -17.71 -3.88 21.26
N GLN A 72 -18.51 -2.94 21.77
CA GLN A 72 -17.97 -1.85 22.57
C GLN A 72 -17.17 -2.37 23.76
N ARG A 73 -17.65 -3.45 24.38
CA ARG A 73 -16.92 -4.05 25.49
C ARG A 73 -15.57 -4.59 25.04
N LEU A 74 -15.55 -5.28 23.89
CA LEU A 74 -14.29 -5.82 23.38
C LEU A 74 -13.29 -4.71 23.07
N VAL A 75 -13.77 -3.64 22.43
CA VAL A 75 -12.91 -2.50 22.10
C VAL A 75 -12.25 -1.97 23.36
N ARG A 76 -13.05 -1.70 24.41
CA ARG A 76 -12.47 -1.13 25.62
C ARG A 76 -11.49 -2.10 26.27
N GLU A 77 -11.81 -3.40 26.29
CA GLU A 77 -10.87 -4.34 26.89
C GLU A 77 -9.53 -4.36 26.15
N ILE A 78 -9.58 -4.39 24.82
CA ILE A 78 -8.33 -4.41 24.05
C ILE A 78 -7.54 -3.15 24.33
N ALA A 79 -8.21 -2.00 24.31
CA ALA A 79 -7.51 -0.73 24.53
C ALA A 79 -6.87 -0.67 25.90
N GLN A 80 -7.44 -1.38 26.87
CA GLN A 80 -6.85 -1.43 28.21
C GLN A 80 -5.41 -1.89 28.17
N ASP A 81 -5.09 -2.87 27.31
CA ASP A 81 -3.69 -3.32 27.23
C ASP A 81 -2.71 -2.25 26.72
N PHE A 82 -3.07 -0.98 26.53
CA PHE A 82 -2.19 0.02 25.92
C PHE A 82 -2.17 1.33 26.69
N LYS A 83 -3.32 1.81 27.13
CA LYS A 83 -3.39 3.01 27.94
C LYS A 83 -4.64 2.93 28.81
N THR A 84 -4.52 3.36 30.06
CA THR A 84 -5.56 3.15 31.06
C THR A 84 -6.45 4.38 31.16
N ASP A 85 -7.67 4.15 31.64
CA ASP A 85 -8.69 5.18 31.75
C ASP A 85 -8.98 5.84 30.40
N LEU A 86 -8.76 5.09 29.33
CA LEU A 86 -9.16 5.54 28.01
C LEU A 86 -10.65 5.76 27.97
N ARG A 87 -11.06 6.94 27.54
CA ARG A 87 -12.42 7.17 27.10
C ARG A 87 -12.47 7.11 25.58
N PHE A 88 -13.66 6.90 25.04
CA PHE A 88 -13.89 6.78 23.60
C PHE A 88 -15.02 7.71 23.22
N GLN A 89 -14.83 8.53 22.18
CA GLN A 89 -15.98 9.10 21.50
C GLN A 89 -16.86 7.97 20.98
N SER A 90 -18.17 8.20 20.93
CA SER A 90 -19.05 7.13 20.43
C SER A 90 -18.81 6.88 18.94
N SER A 91 -18.61 7.95 18.17
CA SER A 91 -18.28 7.83 16.76
C SER A 91 -16.98 7.08 16.53
N ALA A 92 -16.11 6.99 17.54
CA ALA A 92 -14.88 6.22 17.39
C ALA A 92 -15.15 4.72 17.46
N VAL A 93 -15.99 4.31 18.40
CA VAL A 93 -16.39 2.91 18.46
C VAL A 93 -17.16 2.53 17.20
N MET A 94 -18.05 3.41 16.74
CA MET A 94 -18.75 3.11 15.49
C MET A 94 -17.77 3.00 14.32
N ALA A 95 -16.79 3.91 14.23
CA ALA A 95 -15.77 3.80 13.19
C ALA A 95 -15.08 2.43 13.25
N LEU A 96 -14.66 2.03 14.44
CA LEU A 96 -14.01 0.74 14.58
C LEU A 96 -14.94 -0.40 14.18
N GLN A 97 -16.26 -0.26 14.40
CA GLN A 97 -17.13 -1.38 14.05
C GLN A 97 -17.35 -1.46 12.54
N GLU A 98 -17.63 -0.32 11.90
CA GLU A 98 -17.69 -0.29 10.44
C GLU A 98 -16.43 -0.89 9.82
N ALA A 99 -15.24 -0.56 10.36
CA ALA A 99 -14.01 -1.12 9.77
C ALA A 99 -13.91 -2.62 10.02
N CYS A 100 -14.19 -3.06 11.25
CA CYS A 100 -14.05 -4.48 11.55
C CYS A 100 -15.01 -5.31 10.72
N GLU A 101 -16.26 -4.86 10.59
CA GLU A 101 -17.24 -5.64 9.84
C GLU A 101 -16.89 -5.65 8.35
N ALA A 102 -16.50 -4.50 7.81
CA ALA A 102 -16.09 -4.46 6.40
C ALA A 102 -14.93 -5.42 6.15
N TYR A 103 -13.95 -5.41 7.07
CA TYR A 103 -12.81 -6.29 6.95
C TYR A 103 -13.23 -7.76 6.94
N LEU A 104 -14.09 -8.13 7.90
CA LEU A 104 -14.51 -9.53 8.00
C LEU A 104 -15.33 -9.94 6.79
N VAL A 105 -16.23 -9.09 6.32
CA VAL A 105 -17.01 -9.41 5.13
C VAL A 105 -16.08 -9.67 3.94
N GLY A 106 -15.16 -8.74 3.66
CA GLY A 106 -14.22 -8.97 2.57
C GLY A 106 -13.42 -10.25 2.75
N LEU A 107 -13.00 -10.51 3.99
CA LEU A 107 -12.28 -11.75 4.25
C LEU A 107 -13.13 -12.97 3.91
N PHE A 108 -14.43 -12.94 4.26
CA PHE A 108 -15.30 -14.09 3.99
C PHE A 108 -15.55 -14.26 2.49
N GLU A 109 -15.60 -13.17 1.71
CA GLU A 109 -15.61 -13.32 0.26
C GLU A 109 -14.36 -14.04 -0.25
N ASP A 110 -13.16 -13.66 0.25
CA ASP A 110 -11.94 -14.36 -0.23
C ASP A 110 -11.92 -15.81 0.24
N THR A 111 -12.31 -16.05 1.50
CA THR A 111 -12.43 -17.40 2.03
C THR A 111 -13.37 -18.26 1.18
N ASN A 112 -14.51 -17.69 0.82
CA ASN A 112 -15.45 -18.41 -0.04
C ASN A 112 -14.80 -18.78 -1.37
N LEU A 113 -14.05 -17.84 -1.98
CA LEU A 113 -13.31 -18.19 -3.20
C LEU A 113 -12.39 -19.39 -2.97
N CYS A 114 -11.71 -19.46 -1.82
CA CYS A 114 -10.81 -20.59 -1.61
C CYS A 114 -11.55 -21.91 -1.41
N ALA A 115 -12.72 -21.87 -0.74
CA ALA A 115 -13.51 -23.08 -0.59
C ALA A 115 -13.99 -23.57 -1.95
N ILE A 116 -14.46 -22.64 -2.77
CA ILE A 116 -14.98 -22.98 -4.08
C ILE A 116 -13.86 -23.55 -4.97
N HIS A 117 -12.65 -22.98 -4.89
CA HIS A 117 -11.49 -23.51 -5.60
C HIS A 117 -11.25 -24.99 -5.28
N ALA A 118 -11.39 -25.38 -4.02
CA ALA A 118 -11.24 -26.76 -3.58
C ALA A 118 -12.49 -27.62 -3.82
N LYS A 119 -13.46 -27.14 -4.61
CA LYS A 119 -14.67 -27.89 -4.94
C LYS A 119 -15.50 -28.18 -3.69
N ARG A 120 -15.59 -27.18 -2.81
CA ARG A 120 -16.40 -27.24 -1.60
C ARG A 120 -17.33 -26.05 -1.60
N VAL A 121 -18.43 -26.18 -0.86
CA VAL A 121 -19.31 -25.05 -0.54
C VAL A 121 -19.20 -24.64 0.90
N THR A 122 -18.45 -25.38 1.70
CA THR A 122 -18.31 -25.18 3.14
C THR A 122 -16.97 -24.51 3.42
N ILE A 123 -17.00 -23.26 3.91
CA ILE A 123 -15.74 -22.62 4.25
C ILE A 123 -15.20 -23.24 5.53
N MET A 124 -13.90 -23.43 5.55
CA MET A 124 -13.21 -24.08 6.65
C MET A 124 -12.05 -23.19 7.09
N PRO A 125 -11.49 -23.42 8.28
CA PRO A 125 -10.37 -22.58 8.71
C PRO A 125 -9.21 -22.54 7.71
N LYS A 126 -8.94 -23.64 7.00
CA LYS A 126 -7.85 -23.62 6.03
C LYS A 126 -8.13 -22.64 4.90
N ASP A 127 -9.41 -22.42 4.57
CA ASP A 127 -9.75 -21.41 3.58
C ASP A 127 -9.45 -20.00 4.10
N ILE A 128 -9.80 -19.71 5.37
CA ILE A 128 -9.43 -18.42 5.94
C ILE A 128 -7.92 -18.24 5.92
N GLN A 129 -7.19 -19.29 6.32
CA GLN A 129 -5.73 -19.20 6.42
C GLN A 129 -5.10 -18.97 5.05
N LEU A 130 -5.60 -19.64 4.01
CA LEU A 130 -5.06 -19.42 2.68
C LEU A 130 -5.33 -17.99 2.22
N ALA A 131 -6.57 -17.50 2.38
CA ALA A 131 -6.85 -16.14 1.92
C ALA A 131 -5.99 -15.12 2.65
N ARG A 132 -5.76 -15.31 3.95
CA ARG A 132 -4.95 -14.34 4.69
C ARG A 132 -3.49 -14.41 4.29
N ARG A 133 -2.98 -15.62 4.02
CA ARG A 133 -1.60 -15.74 3.58
C ARG A 133 -1.40 -15.07 2.21
N ILE A 134 -2.32 -15.29 1.28
CA ILE A 134 -2.18 -14.64 -0.02
C ILE A 134 -2.33 -13.14 0.11
N ARG A 135 -3.24 -12.69 0.99
CA ARG A 135 -3.40 -11.27 1.26
C ARG A 135 -2.17 -10.64 1.88
N GLY A 136 -1.20 -11.41 2.33
CA GLY A 136 -0.05 -10.86 3.02
C GLY A 136 -0.26 -10.60 4.49
N GLU A 137 -1.37 -11.05 5.07
CA GLU A 137 -1.59 -10.89 6.50
C GLU A 137 -0.87 -12.00 7.28
N ASN B 29 -14.53 -12.13 26.62
CA ASN B 29 -15.09 -10.93 26.01
C ASN B 29 -15.22 -11.08 24.50
N ILE B 30 -14.19 -11.67 23.87
CA ILE B 30 -14.27 -11.92 22.44
C ILE B 30 -15.41 -12.90 22.15
N GLN B 31 -15.87 -13.64 23.17
CA GLN B 31 -17.00 -14.54 23.01
C GLN B 31 -18.33 -13.80 22.90
N GLY B 32 -18.41 -12.53 23.25
CA GLY B 32 -19.61 -11.77 22.92
C GLY B 32 -19.79 -11.53 21.44
N ILE B 33 -18.79 -11.87 20.63
CA ILE B 33 -18.93 -11.93 19.18
C ILE B 33 -19.48 -13.31 18.87
N THR B 34 -20.80 -13.40 18.72
CA THR B 34 -21.51 -14.66 18.74
C THR B 34 -21.43 -15.38 17.40
N LYS B 35 -21.67 -16.69 17.45
CA LYS B 35 -21.84 -17.49 16.25
C LYS B 35 -22.89 -16.94 15.29
N PRO B 36 -24.06 -16.45 15.71
CA PRO B 36 -24.99 -15.87 14.73
C PRO B 36 -24.52 -14.55 14.11
N ALA B 37 -23.80 -13.71 14.86
CA ALA B 37 -23.25 -12.51 14.26
C ALA B 37 -22.19 -12.89 13.21
N ILE B 38 -21.29 -13.80 13.56
CA ILE B 38 -20.28 -14.27 12.61
C ILE B 38 -20.94 -14.85 11.37
N ARG B 39 -21.99 -15.66 11.56
CA ARG B 39 -22.72 -16.20 10.42
C ARG B 39 -23.31 -15.10 9.57
N ARG B 40 -23.86 -14.05 10.21
CA ARG B 40 -24.41 -12.93 9.45
C ARG B 40 -23.36 -12.27 8.58
N LEU B 41 -22.16 -12.06 9.13
CA LEU B 41 -21.09 -11.46 8.34
C LEU B 41 -20.69 -12.36 7.18
N ALA B 42 -20.61 -13.67 7.43
CA ALA B 42 -20.29 -14.60 6.34
C ALA B 42 -21.36 -14.57 5.24
N ARG B 43 -22.64 -14.51 5.63
CA ARG B 43 -23.74 -14.41 4.67
C ARG B 43 -23.63 -13.16 3.82
N ARG B 44 -23.35 -12.01 4.45
CA ARG B 44 -23.12 -10.82 3.64
C ARG B 44 -21.93 -11.03 2.71
N GLY B 45 -20.92 -11.79 3.15
CA GLY B 45 -19.81 -12.18 2.30
C GLY B 45 -20.12 -13.25 1.29
N GLY B 46 -21.35 -13.75 1.21
CA GLY B 46 -21.72 -14.68 0.16
C GLY B 46 -21.58 -16.14 0.50
N VAL B 47 -21.41 -16.48 1.79
CA VAL B 47 -21.08 -17.84 2.22
C VAL B 47 -22.37 -18.62 2.52
N LYS B 48 -22.45 -19.85 2.00
CA LYS B 48 -23.63 -20.70 2.12
C LYS B 48 -23.52 -21.74 3.24
N ARG B 49 -22.34 -22.31 3.47
CA ARG B 49 -22.12 -23.37 4.43
C ARG B 49 -20.85 -23.07 5.21
N ILE B 50 -20.91 -23.28 6.53
CA ILE B 50 -19.89 -22.78 7.46
C ILE B 50 -19.48 -23.93 8.37
N SER B 51 -18.20 -24.28 8.34
CA SER B 51 -17.67 -25.29 9.25
C SER B 51 -17.76 -24.83 10.70
N GLY B 52 -17.87 -25.80 11.61
CA GLY B 52 -18.02 -25.47 13.03
C GLY B 52 -16.80 -24.77 13.61
N LEU B 53 -15.62 -25.05 13.05
CA LEU B 53 -14.40 -24.44 13.58
C LEU B 53 -14.22 -22.98 13.16
N ILE B 54 -15.08 -22.48 12.26
CA ILE B 54 -14.91 -21.14 11.70
C ILE B 54 -15.09 -20.05 12.76
N TYR B 55 -15.97 -20.26 13.74
CA TYR B 55 -16.32 -19.18 14.66
C TYR B 55 -15.14 -18.79 15.53
N GLU B 56 -14.42 -19.78 16.05
CA GLU B 56 -13.26 -19.47 16.88
C GLU B 56 -12.11 -18.93 16.03
N GLU B 57 -11.93 -19.45 14.81
CA GLU B 57 -10.91 -18.89 13.91
C GLU B 57 -11.21 -17.41 13.61
N THR B 58 -12.49 -17.09 13.41
CA THR B 58 -12.90 -15.73 13.12
C THR B 58 -12.69 -14.81 14.32
N ARG B 59 -13.00 -15.29 15.53
CA ARG B 59 -12.68 -14.51 16.72
C ARG B 59 -11.18 -14.21 16.80
N GLY B 60 -10.33 -15.21 16.53
CA GLY B 60 -8.88 -14.94 16.52
C GLY B 60 -8.49 -13.85 15.53
N VAL B 61 -8.98 -13.96 14.28
CA VAL B 61 -8.62 -12.97 13.25
C VAL B 61 -9.13 -11.59 13.63
N LEU B 62 -10.37 -11.51 14.11
CA LEU B 62 -10.93 -10.24 14.55
C LEU B 62 -10.10 -9.63 15.66
N LYS B 63 -9.67 -10.46 16.62
CA LYS B 63 -8.93 -9.93 17.75
C LYS B 63 -7.63 -9.29 17.28
N VAL B 64 -6.90 -9.96 16.39
CA VAL B 64 -5.64 -9.41 15.86
C VAL B 64 -5.90 -8.09 15.13
N PHE B 65 -6.87 -8.08 14.22
CA PHE B 65 -7.19 -6.84 13.50
C PHE B 65 -7.51 -5.69 14.47
N LEU B 66 -8.36 -5.95 15.46
CA LEU B 66 -8.77 -4.87 16.36
C LEU B 66 -7.58 -4.39 17.19
N GLU B 67 -6.75 -5.32 17.66
CA GLU B 67 -5.52 -4.95 18.38
C GLU B 67 -4.66 -4.01 17.55
N ASN B 68 -4.30 -4.41 16.32
CA ASN B 68 -3.43 -3.56 15.50
C ASN B 68 -4.02 -2.16 15.32
N VAL B 69 -5.32 -2.08 14.97
CA VAL B 69 -5.91 -0.77 14.72
C VAL B 69 -5.89 0.04 16.00
N ILE B 70 -6.31 -0.56 17.12
CA ILE B 70 -6.45 0.19 18.36
C ILE B 70 -5.10 0.63 18.89
N ARG B 71 -4.07 -0.21 18.74
CA ARG B 71 -2.73 0.18 19.14
C ARG B 71 -2.30 1.47 18.45
N ASP B 72 -2.49 1.55 17.13
CA ASP B 72 -2.17 2.82 16.47
C ASP B 72 -3.11 3.94 16.91
N ALA B 73 -4.41 3.66 17.02
CA ALA B 73 -5.36 4.70 17.42
C ALA B 73 -4.94 5.33 18.74
N VAL B 74 -4.60 4.49 19.71
CA VAL B 74 -4.17 4.97 21.01
C VAL B 74 -2.83 5.71 20.90
N THR B 75 -1.93 5.24 20.03
CA THR B 75 -0.68 5.98 19.82
C THR B 75 -0.98 7.41 19.40
N TYR B 76 -1.90 7.59 18.44
CA TYR B 76 -2.32 8.96 18.09
C TYR B 76 -2.91 9.69 19.29
N THR B 77 -3.68 8.96 20.12
CA THR B 77 -4.36 9.59 21.25
C THR B 77 -3.36 10.14 22.27
N GLU B 78 -2.37 9.34 22.64
CA GLU B 78 -1.39 9.81 23.61
C GLU B 78 -0.43 10.81 22.99
N HIS B 79 -0.28 10.84 21.66
CA HIS B 79 0.55 11.92 21.13
C HIS B 79 -0.13 13.27 21.36
N ALA B 80 -1.45 13.32 21.21
CA ALA B 80 -2.18 14.57 21.40
C ALA B 80 -2.38 14.91 22.87
N LYS B 81 -1.75 14.17 23.78
CA LYS B 81 -1.91 14.34 25.23
C LYS B 81 -3.38 14.29 25.64
N ARG B 82 -4.17 13.48 24.94
CA ARG B 82 -5.58 13.30 25.23
C ARG B 82 -5.80 11.99 25.98
N LYS B 83 -6.98 11.89 26.59
CA LYS B 83 -7.42 10.70 27.30
C LYS B 83 -8.59 10.02 26.61
N THR B 84 -9.20 10.67 25.62
CA THR B 84 -10.35 10.15 24.91
C THR B 84 -9.97 9.89 23.46
N VAL B 85 -10.16 8.64 23.02
CA VAL B 85 -9.92 8.26 21.64
C VAL B 85 -11.00 8.88 20.76
N THR B 86 -10.58 9.64 19.74
CA THR B 86 -11.53 10.24 18.82
C THR B 86 -11.74 9.36 17.59
N ALA B 87 -12.82 9.64 16.86
CA ALA B 87 -12.99 9.00 15.57
C ALA B 87 -11.83 9.34 14.63
N MET B 88 -11.25 10.54 14.77
CA MET B 88 -10.11 10.90 13.94
C MET B 88 -8.89 10.03 14.25
N ASP B 89 -8.64 9.73 15.54
CA ASP B 89 -7.58 8.79 15.88
C ASP B 89 -7.77 7.47 15.14
N VAL B 90 -9.01 6.99 15.07
CA VAL B 90 -9.29 5.70 14.46
C VAL B 90 -9.09 5.79 12.95
N VAL B 91 -9.52 6.90 12.35
CA VAL B 91 -9.40 7.10 10.91
C VAL B 91 -7.93 7.13 10.51
N TYR B 92 -7.11 7.87 11.26
CA TYR B 92 -5.68 7.92 11.00
C TYR B 92 -5.05 6.54 11.13
N ALA B 93 -5.43 5.78 12.16
CA ALA B 93 -4.84 4.44 12.31
C ALA B 93 -5.26 3.50 11.17
N LEU B 94 -6.52 3.60 10.74
CA LEU B 94 -6.94 2.76 9.62
C LEU B 94 -6.22 3.17 8.34
N LYS B 95 -6.09 4.48 8.12
CA LYS B 95 -5.33 4.98 6.98
C LYS B 95 -3.93 4.39 6.97
N ARG B 96 -3.23 4.49 8.10
CA ARG B 96 -1.85 4.06 8.00
C ARG B 96 -1.69 2.55 7.98
N GLN B 97 -2.74 1.78 8.27
CA GLN B 97 -2.68 0.36 7.95
C GLN B 97 -3.21 0.04 6.54
N GLY B 98 -3.42 1.03 5.70
CA GLY B 98 -3.92 0.74 4.36
C GLY B 98 -5.36 0.27 4.30
N ARG B 99 -6.19 0.65 5.26
CA ARG B 99 -7.61 0.31 5.28
C ARG B 99 -8.45 1.56 5.46
N THR B 100 -8.17 2.57 4.65
CA THR B 100 -8.88 3.85 4.70
C THR B 100 -10.37 3.66 4.88
N LEU B 101 -10.95 4.43 5.79
CA LEU B 101 -12.39 4.39 6.03
C LEU B 101 -12.97 5.74 5.69
N TYR B 102 -14.02 5.75 4.87
CA TYR B 102 -14.77 6.97 4.55
C TYR B 102 -15.97 7.12 5.47
N GLY B 103 -16.24 8.34 5.88
CA GLY B 103 -17.50 8.67 6.55
C GLY B 103 -17.38 9.19 7.96
N PHE B 104 -16.21 9.19 8.58
CA PHE B 104 -16.08 9.60 9.96
C PHE B 104 -15.14 10.78 10.12
N GLY B 105 -15.00 11.59 9.07
CA GLY B 105 -14.09 12.72 9.10
C GLY B 105 -12.65 12.33 8.78
N THR C 18 37.31 28.00 21.14
CA THR C 18 36.62 26.72 21.33
C THR C 18 36.40 26.02 19.99
N LYS C 19 37.01 24.84 19.84
CA LYS C 19 36.96 24.09 18.60
C LYS C 19 35.56 23.52 18.34
N ALA C 20 35.33 23.14 17.08
CA ALA C 20 34.01 22.67 16.65
C ALA C 20 33.74 21.28 17.21
N VAL C 21 32.51 21.05 17.65
CA VAL C 21 32.07 19.75 18.13
C VAL C 21 30.97 19.25 17.19
N SER C 22 31.18 18.06 16.61
CA SER C 22 30.13 17.44 15.81
C SER C 22 28.88 17.19 16.63
N ARG C 23 27.72 17.57 16.08
CA ARG C 23 26.46 17.20 16.70
C ARG C 23 26.29 15.68 16.73
N SER C 24 26.90 14.96 15.79
CA SER C 24 26.84 13.50 15.86
C SER C 24 27.59 12.99 17.08
N GLN C 25 28.85 13.39 17.21
CA GLN C 25 29.62 13.02 18.40
C GLN C 25 28.88 13.44 19.66
N ARG C 26 28.41 14.69 19.68
CA ARG C 26 27.64 15.17 20.82
C ARG C 26 26.48 14.25 21.15
N ALA C 27 25.85 13.63 20.14
CA ALA C 27 24.77 12.71 20.40
C ALA C 27 25.26 11.30 20.68
N GLY C 28 26.56 11.06 20.56
CA GLY C 28 27.09 9.71 20.63
C GLY C 28 26.70 8.80 19.48
N LEU C 29 26.46 9.37 18.29
CA LEU C 29 25.99 8.58 17.16
C LEU C 29 27.05 8.50 16.06
N GLN C 30 26.87 7.50 15.19
CA GLN C 30 27.58 7.46 13.93
C GLN C 30 26.84 8.16 12.79
N PHE C 31 25.51 8.18 12.80
CA PHE C 31 24.80 8.79 11.69
C PHE C 31 24.86 10.31 11.80
N PRO C 32 24.70 11.03 10.68
CA PRO C 32 25.08 12.45 10.70
C PRO C 32 23.92 13.36 11.08
N VAL C 33 23.98 13.91 12.29
CA VAL C 33 22.86 14.65 12.85
C VAL C 33 22.59 15.93 12.06
N GLY C 34 23.64 16.68 11.72
CA GLY C 34 23.45 17.94 11.02
C GLY C 34 22.85 17.75 9.63
N ARG C 35 23.35 16.76 8.89
CA ARG C 35 22.79 16.50 7.57
C ARG C 35 21.33 16.10 7.66
N ILE C 36 21.01 15.17 8.57
CA ILE C 36 19.61 14.77 8.77
C ILE C 36 18.76 15.95 9.18
N HIS C 37 19.29 16.85 10.01
CA HIS C 37 18.55 18.06 10.36
C HIS C 37 18.21 18.87 9.12
N ARG C 38 19.17 19.00 8.19
CA ARG C 38 18.87 19.73 6.97
C ARG C 38 17.82 19.01 6.13
N HIS C 39 17.89 17.67 6.07
CA HIS C 39 16.83 16.94 5.36
C HIS C 39 15.45 17.19 5.99
N LEU C 40 15.41 17.29 7.32
CA LEU C 40 14.12 17.55 7.97
C LEU C 40 13.64 18.97 7.70
N LYS C 41 14.57 19.94 7.68
CA LYS C 41 14.17 21.32 7.46
C LYS C 41 13.61 21.54 6.06
N SER C 42 14.12 20.84 5.06
CA SER C 42 13.70 21.08 3.69
C SER C 42 12.55 20.18 3.25
N ARG C 43 11.99 19.37 4.16
CA ARG C 43 10.87 18.47 3.83
C ARG C 43 9.84 18.56 4.97
N THR C 44 9.10 19.67 5.00
CA THR C 44 8.32 20.03 6.19
C THR C 44 6.91 20.54 5.90
N THR C 45 6.75 21.84 6.07
CA THR C 45 5.53 22.58 5.78
C THR C 45 5.94 23.97 5.33
N ARG C 46 4.96 24.84 5.11
CA ARG C 46 5.28 26.19 4.64
C ARG C 46 6.21 26.88 5.63
N HIS C 47 5.71 27.20 6.82
CA HIS C 47 6.51 27.81 7.88
C HIS C 47 6.95 26.80 8.92
N GLY C 48 7.28 25.58 8.49
CA GLY C 48 7.66 24.54 9.43
C GLY C 48 8.99 24.83 10.11
N ARG C 49 9.10 24.37 11.35
CA ARG C 49 10.34 24.45 12.10
C ARG C 49 10.72 23.05 12.56
N VAL C 50 12.02 22.84 12.78
CA VAL C 50 12.52 21.54 13.23
C VAL C 50 13.31 21.73 14.51
N GLY C 51 12.86 21.09 15.58
CA GLY C 51 13.54 21.20 16.84
C GLY C 51 14.91 20.55 16.80
N ALA C 52 15.73 20.93 17.77
CA ALA C 52 17.13 20.54 17.75
C ALA C 52 17.27 19.02 17.87
N THR C 53 16.54 18.43 18.81
CA THR C 53 16.68 17.01 19.07
C THR C 53 15.90 16.13 18.11
N ALA C 54 15.04 16.69 17.26
CA ALA C 54 14.35 15.87 16.27
C ALA C 54 15.35 15.15 15.37
N ALA C 55 16.36 15.88 14.90
CA ALA C 55 17.36 15.25 14.04
C ALA C 55 18.19 14.25 14.81
N VAL C 56 18.43 14.51 16.10
CA VAL C 56 19.16 13.56 16.93
C VAL C 56 18.40 12.26 17.04
N TYR C 57 17.12 12.36 17.35
CA TYR C 57 16.28 11.17 17.49
C TYR C 57 16.21 10.41 16.17
N SER C 58 15.94 11.13 15.08
CA SER C 58 15.89 10.49 13.75
C SER C 58 17.19 9.75 13.43
N ALA C 59 18.32 10.43 13.60
CA ALA C 59 19.59 9.78 13.31
C ALA C 59 19.77 8.54 14.17
N ALA C 60 19.33 8.59 15.43
CA ALA C 60 19.54 7.45 16.30
C ALA C 60 18.68 6.27 15.87
N ILE C 61 17.45 6.56 15.42
CA ILE C 61 16.56 5.50 14.92
C ILE C 61 17.14 4.87 13.68
N LEU C 62 17.56 5.71 12.71
CA LEU C 62 18.11 5.17 11.47
C LEU C 62 19.34 4.32 11.75
N GLU C 63 20.17 4.80 12.68
CA GLU C 63 21.40 4.08 13.01
C GLU C 63 21.07 2.74 13.65
N TYR C 64 20.13 2.74 14.60
CA TYR C 64 19.74 1.49 15.23
C TYR C 64 19.21 0.49 14.21
N LEU C 65 18.29 0.93 13.34
CA LEU C 65 17.73 -0.01 12.36
C LEU C 65 18.82 -0.55 11.46
N THR C 66 19.74 0.31 11.04
CA THR C 66 20.89 -0.15 10.28
C THR C 66 21.70 -1.21 11.04
N ALA C 67 21.96 -0.97 12.34
CA ALA C 67 22.66 -1.95 13.15
C ALA C 67 21.94 -3.29 13.16
N GLU C 68 20.60 -3.30 13.28
CA GLU C 68 19.92 -4.60 13.36
C GLU C 68 20.02 -5.36 12.04
N VAL C 69 19.77 -4.67 10.93
CA VAL C 69 19.88 -5.32 9.63
C VAL C 69 21.29 -5.85 9.41
N LEU C 70 22.32 -5.03 9.73
CA LEU C 70 23.69 -5.50 9.47
C LEU C 70 24.08 -6.63 10.42
N GLU C 71 23.56 -6.62 11.65
CA GLU C 71 23.85 -7.68 12.59
C GLU C 71 23.39 -9.02 12.03
N LEU C 72 22.12 -9.10 11.61
CA LEU C 72 21.61 -10.36 11.10
C LEU C 72 22.26 -10.72 9.77
N ALA C 73 22.42 -9.75 8.88
CA ALA C 73 23.04 -10.05 7.60
C ALA C 73 24.45 -10.58 7.78
N GLY C 74 25.21 -9.97 8.70
CA GLY C 74 26.55 -10.44 8.96
C GLY C 74 26.58 -11.82 9.58
N ASN C 75 25.60 -12.13 10.43
CA ASN C 75 25.51 -13.51 10.94
C ASN C 75 25.27 -14.50 9.81
N ALA C 76 24.40 -14.15 8.85
CA ALA C 76 24.18 -15.06 7.71
C ALA C 76 25.42 -15.18 6.84
N SER C 77 26.12 -14.09 6.58
CA SER C 77 27.35 -14.20 5.78
C SER C 77 28.41 -15.03 6.50
N LYS C 78 28.52 -14.86 7.82
CA LYS C 78 29.50 -15.63 8.58
C LYS C 78 29.16 -17.11 8.56
N ASP C 79 27.86 -17.45 8.62
CA ASP C 79 27.49 -18.85 8.58
C ASP C 79 27.80 -19.49 7.22
N LEU C 80 27.72 -18.74 6.12
CA LEU C 80 28.09 -19.25 4.81
C LEU C 80 29.59 -19.07 4.49
N LYS C 81 30.42 -18.81 5.50
CA LYS C 81 31.87 -18.71 5.37
C LYS C 81 32.30 -17.73 4.27
N VAL C 82 31.75 -16.53 4.30
CA VAL C 82 32.27 -15.46 3.46
C VAL C 82 32.44 -14.22 4.32
N LYS C 83 33.24 -13.29 3.82
CA LYS C 83 33.58 -12.09 4.56
C LYS C 83 32.73 -10.87 4.19
N ARG C 84 32.08 -10.87 3.02
CA ARG C 84 31.33 -9.71 2.58
C ARG C 84 29.83 -9.99 2.57
N ILE C 85 29.06 -9.03 3.06
CA ILE C 85 27.61 -9.09 2.99
C ILE C 85 27.16 -8.81 1.56
N THR C 86 26.33 -9.67 1.02
CA THR C 86 25.70 -9.43 -0.27
C THR C 86 24.20 -9.21 -0.10
N PRO C 87 23.50 -8.78 -1.17
CA PRO C 87 22.03 -8.74 -1.11
C PRO C 87 21.43 -10.06 -0.68
N ARG C 88 22.05 -11.17 -1.07
CA ARG C 88 21.58 -12.47 -0.59
C ARG C 88 21.50 -12.51 0.94
N HIS C 89 22.51 -11.99 1.62
CA HIS C 89 22.51 -12.06 3.08
C HIS C 89 21.51 -11.09 3.66
N LEU C 90 21.39 -9.89 3.08
CA LEU C 90 20.34 -8.97 3.49
C LEU C 90 18.98 -9.62 3.39
N GLN C 91 18.72 -10.33 2.29
CA GLN C 91 17.41 -10.96 2.10
C GLN C 91 17.19 -12.08 3.09
N LEU C 92 18.17 -12.96 3.27
CA LEU C 92 18.03 -14.01 4.28
C LEU C 92 17.80 -13.40 5.66
N ALA C 93 18.46 -12.29 5.96
CA ALA C 93 18.36 -11.73 7.31
C ALA C 93 17.01 -11.06 7.52
N ILE C 94 16.54 -10.31 6.54
CA ILE C 94 15.31 -9.57 6.70
C ILE C 94 14.12 -10.52 6.69
N ARG C 95 14.06 -11.41 5.70
CA ARG C 95 12.92 -12.31 5.61
C ARG C 95 12.93 -13.38 6.69
N GLY C 96 14.09 -13.65 7.29
CA GLY C 96 14.16 -14.60 8.38
C GLY C 96 13.79 -14.02 9.73
N ASP C 97 13.55 -12.72 9.82
CA ASP C 97 13.22 -12.06 11.08
C ASP C 97 11.82 -11.48 10.95
N GLU C 98 10.93 -11.87 11.83
CA GLU C 98 9.51 -11.52 11.65
C GLU C 98 9.31 -10.02 11.59
N GLU C 99 9.94 -9.29 12.52
CA GLU C 99 9.67 -7.86 12.62
C GLU C 99 10.35 -7.08 11.48
N LEU C 100 11.60 -7.44 11.15
CA LEU C 100 12.22 -6.82 9.99
C LEU C 100 11.44 -7.14 8.72
N ASP C 101 10.91 -8.37 8.62
CA ASP C 101 10.18 -8.77 7.42
C ASP C 101 8.92 -7.95 7.24
N SER C 102 8.19 -7.69 8.32
CA SER C 102 6.99 -6.88 8.17
C SER C 102 7.32 -5.39 8.02
N LEU C 103 8.48 -4.95 8.55
CA LEU C 103 8.86 -3.54 8.35
C LEU C 103 9.30 -3.28 6.90
N ILE C 104 10.00 -4.21 6.28
CA ILE C 104 10.64 -3.96 5.00
C ILE C 104 9.96 -4.80 3.91
N LYS C 105 8.90 -4.26 3.31
CA LYS C 105 8.19 -4.98 2.27
C LYS C 105 8.83 -4.81 0.88
N ALA C 106 9.83 -3.95 0.74
CA ALA C 106 10.42 -3.67 -0.57
C ALA C 106 11.10 -4.90 -1.15
N THR C 107 11.20 -4.92 -2.48
CA THR C 107 11.99 -5.94 -3.16
C THR C 107 13.47 -5.70 -2.91
N ILE C 108 14.18 -6.75 -2.50
CA ILE C 108 15.63 -6.72 -2.32
C ILE C 108 16.26 -7.22 -3.61
N ALA C 109 16.74 -6.31 -4.46
CA ALA C 109 17.30 -6.72 -5.74
C ALA C 109 18.41 -7.75 -5.54
N GLY C 110 18.41 -8.76 -6.38
CA GLY C 110 19.42 -9.81 -6.27
C GLY C 110 19.34 -10.61 -4.98
N GLY C 111 18.20 -10.60 -4.30
CA GLY C 111 18.14 -11.28 -3.02
C GLY C 111 17.73 -12.73 -3.07
N GLY C 112 17.05 -13.15 -4.14
CA GLY C 112 16.52 -14.51 -4.15
C GLY C 112 15.41 -14.69 -3.12
N VAL C 113 15.16 -15.95 -2.75
CA VAL C 113 14.15 -16.31 -1.77
C VAL C 113 14.76 -17.26 -0.75
N ILE C 114 14.04 -17.44 0.36
CA ILE C 114 14.43 -18.42 1.38
C ILE C 114 13.98 -19.80 0.93
N PRO C 115 14.85 -20.82 0.93
CA PRO C 115 14.42 -22.17 0.56
C PRO C 115 13.16 -22.56 1.32
N HIS C 116 12.25 -23.24 0.61
CA HIS C 116 11.02 -23.82 1.15
C HIS C 116 10.40 -24.68 0.07
N ILE C 117 10.20 -25.94 0.38
CA ILE C 117 9.49 -26.86 -0.50
C ILE C 117 8.36 -27.42 0.33
N HIS C 118 7.13 -27.25 -0.14
CA HIS C 118 5.98 -27.72 0.60
C HIS C 118 6.04 -29.23 0.78
N LYS C 119 5.60 -29.68 1.96
CA LYS C 119 5.68 -31.09 2.34
C LYS C 119 5.01 -32.01 1.31
N SER C 120 3.86 -31.60 0.77
CA SER C 120 3.12 -32.44 -0.17
C SER C 120 3.86 -32.64 -1.50
N LEU C 121 4.92 -31.88 -1.78
CA LEU C 121 5.65 -31.95 -3.04
C LEU C 121 6.84 -32.90 -3.00
N ILE C 122 7.26 -33.34 -1.82
CA ILE C 122 8.36 -34.29 -1.71
C ILE C 122 7.77 -35.70 -1.64
N GLY C 123 8.24 -36.59 -2.51
CA GLY C 123 7.73 -37.94 -2.58
C GLY C 123 8.41 -38.88 -1.61
N SER D 36 29.89 17.51 -9.56
CA SER D 36 28.81 16.51 -9.61
C SER D 36 28.74 15.69 -8.31
N ARG D 37 28.56 16.37 -7.19
CA ARG D 37 28.77 15.79 -5.86
C ARG D 37 27.48 15.17 -5.34
N LYS D 38 27.56 13.91 -4.91
CA LYS D 38 26.38 13.12 -4.53
C LYS D 38 26.54 12.59 -3.10
N GLU D 39 25.67 13.06 -2.20
CA GLU D 39 25.72 12.61 -0.82
C GLU D 39 25.05 11.26 -0.66
N SER D 40 25.52 10.47 0.30
CA SER D 40 24.87 9.20 0.56
C SER D 40 25.18 8.76 1.97
N TYR D 41 24.50 7.69 2.40
CA TYR D 41 24.69 7.18 3.76
C TYR D 41 25.79 6.15 3.86
N SER D 42 26.60 5.99 2.80
CA SER D 42 27.46 4.82 2.69
C SER D 42 28.50 4.75 3.82
N ILE D 43 29.12 5.87 4.15
CA ILE D 43 30.20 5.81 5.15
C ILE D 43 29.62 5.54 6.53
N TYR D 44 28.39 6.01 6.80
CA TYR D 44 27.79 5.78 8.12
C TYR D 44 27.35 4.34 8.26
N VAL D 45 26.72 3.79 7.21
CA VAL D 45 26.42 2.37 7.18
C VAL D 45 27.69 1.56 7.45
N TYR D 46 28.80 1.95 6.78
CA TYR D 46 30.06 1.23 6.94
C TYR D 46 30.60 1.31 8.37
N LYS D 47 30.51 2.48 9.00
CA LYS D 47 30.94 2.61 10.40
C LYS D 47 30.11 1.72 11.33
N VAL D 48 28.80 1.67 11.11
CA VAL D 48 27.97 0.77 11.90
C VAL D 48 28.36 -0.68 11.67
N LEU D 49 28.63 -1.03 10.40
CA LEU D 49 29.07 -2.39 10.07
C LEU D 49 30.35 -2.75 10.80
N LYS D 50 31.31 -1.84 10.85
CA LYS D 50 32.54 -2.16 11.57
C LYS D 50 32.31 -2.26 13.06
N GLN D 51 31.27 -1.58 13.58
CA GLN D 51 30.92 -1.78 14.98
C GLN D 51 30.40 -3.19 15.23
N VAL D 52 29.41 -3.64 14.45
CA VAL D 52 28.74 -4.91 14.77
C VAL D 52 29.53 -6.12 14.27
N HIS D 53 30.22 -6.00 13.13
CA HIS D 53 30.93 -7.14 12.56
C HIS D 53 32.30 -6.65 12.13
N PRO D 54 33.25 -6.58 13.07
CA PRO D 54 34.52 -5.89 12.77
C PRO D 54 35.30 -6.47 11.61
N ASP D 55 35.14 -7.76 11.33
CA ASP D 55 35.90 -8.41 10.26
C ASP D 55 35.08 -8.63 8.99
N THR D 56 34.00 -7.88 8.79
CA THR D 56 33.11 -8.10 7.67
C THR D 56 33.06 -6.85 6.80
N GLY D 57 33.02 -7.06 5.48
CA GLY D 57 32.76 -6.02 4.53
C GLY D 57 31.38 -6.14 3.95
N ILE D 58 31.15 -5.45 2.83
CA ILE D 58 29.84 -5.40 2.18
C ILE D 58 30.03 -5.07 0.70
N SER D 59 29.38 -5.83 -0.18
CA SER D 59 29.45 -5.56 -1.61
C SER D 59 28.80 -4.22 -1.92
N SER D 60 29.12 -3.66 -3.08
CA SER D 60 28.51 -2.36 -3.40
C SER D 60 27.01 -2.50 -3.69
N LYS D 61 26.54 -3.63 -4.23
CA LYS D 61 25.11 -3.79 -4.41
C LYS D 61 24.39 -3.84 -3.05
N ALA D 62 24.96 -4.57 -2.08
CA ALA D 62 24.34 -4.57 -0.76
C ALA D 62 24.35 -3.18 -0.16
N MET D 63 25.43 -2.43 -0.35
CA MET D 63 25.44 -1.07 0.18
C MET D 63 24.36 -0.23 -0.50
N GLY D 64 24.08 -0.47 -1.79
CA GLY D 64 22.98 0.23 -2.43
C GLY D 64 21.65 -0.12 -1.80
N ILE D 65 21.48 -1.39 -1.43
CA ILE D 65 20.28 -1.80 -0.70
C ILE D 65 20.17 -1.07 0.64
N MET D 66 21.25 -1.01 1.42
CA MET D 66 21.21 -0.29 2.70
C MET D 66 20.89 1.18 2.51
N ASN D 67 21.43 1.80 1.46
CA ASN D 67 21.13 3.21 1.21
C ASN D 67 19.66 3.42 0.90
N SER D 68 19.07 2.52 0.09
CA SER D 68 17.62 2.58 -0.16
C SER D 68 16.84 2.39 1.13
N PHE D 69 17.28 1.45 1.95
CA PHE D 69 16.58 1.21 3.21
C PHE D 69 16.58 2.45 4.09
N VAL D 70 17.76 3.07 4.27
CA VAL D 70 17.83 4.25 5.13
C VAL D 70 16.98 5.39 4.57
N ASN D 71 17.08 5.64 3.26
CA ASN D 71 16.26 6.71 2.70
C ASN D 71 14.76 6.39 2.85
N ASP D 72 14.38 5.13 2.70
CA ASP D 72 12.97 4.76 2.80
C ASP D 72 12.44 5.02 4.21
N ILE D 73 13.14 4.49 5.23
CA ILE D 73 12.68 4.69 6.61
C ILE D 73 12.68 6.17 6.96
N PHE D 74 13.66 6.92 6.44
CA PHE D 74 13.69 8.34 6.76
C PHE D 74 12.47 9.06 6.18
N GLU D 75 12.09 8.73 4.94
CA GLU D 75 10.89 9.36 4.36
C GLU D 75 9.62 8.98 5.13
N ARG D 76 9.51 7.72 5.56
CA ARG D 76 8.33 7.31 6.33
C ARG D 76 8.23 8.10 7.63
N ILE D 77 9.35 8.18 8.37
CA ILE D 77 9.32 8.86 9.65
C ILE D 77 9.06 10.35 9.47
N ALA D 78 9.74 10.98 8.51
CA ALA D 78 9.54 12.42 8.30
C ALA D 78 8.09 12.72 7.92
N GLY D 79 7.52 11.97 6.98
CA GLY D 79 6.14 12.23 6.58
C GLY D 79 5.17 12.04 7.72
N GLU D 80 5.28 10.93 8.46
CA GLU D 80 4.34 10.74 9.56
C GLU D 80 4.52 11.81 10.63
N ALA D 81 5.77 12.23 10.86
CA ALA D 81 6.05 13.29 11.84
C ALA D 81 5.40 14.62 11.43
N SER D 82 5.50 14.98 10.14
CA SER D 82 4.83 16.18 9.66
C SER D 82 3.32 16.08 9.87
N ARG D 83 2.74 14.92 9.54
CA ARG D 83 1.30 14.77 9.71
C ARG D 83 0.91 14.88 11.17
N LEU D 84 1.68 14.26 12.07
CA LEU D 84 1.37 14.39 13.49
C LEU D 84 1.36 15.84 13.92
N ALA D 85 2.42 16.57 13.55
CA ALA D 85 2.45 18.00 13.85
C ALA D 85 1.21 18.70 13.32
N HIS D 86 0.82 18.40 12.09
CA HIS D 86 -0.34 19.09 11.51
C HIS D 86 -1.62 18.76 12.30
N TYR D 87 -1.89 17.47 12.52
CA TYR D 87 -3.06 17.08 13.30
C TYR D 87 -3.16 17.85 14.60
N ASN D 88 -2.02 18.05 15.28
CA ASN D 88 -2.05 18.68 16.59
C ASN D 88 -1.80 20.19 16.54
N LYS D 89 -1.96 20.81 15.37
CA LYS D 89 -1.82 22.26 15.20
C LYS D 89 -0.50 22.79 15.72
N ARG D 90 0.57 22.02 15.61
CA ARG D 90 1.91 22.48 15.94
C ARG D 90 2.69 22.71 14.67
N SER D 91 3.55 23.73 14.67
CA SER D 91 4.33 24.06 13.49
C SER D 91 5.79 23.63 13.59
N THR D 92 6.16 22.93 14.66
CA THR D 92 7.52 22.44 14.86
C THR D 92 7.48 20.92 14.93
N ILE D 93 8.32 20.27 14.15
CA ILE D 93 8.60 18.86 14.33
C ILE D 93 9.65 18.72 15.42
N THR D 94 9.28 18.09 16.53
CA THR D 94 10.18 17.84 17.65
C THR D 94 10.41 16.34 17.82
N SER D 95 11.34 16.00 18.72
CA SER D 95 11.63 14.62 19.04
C SER D 95 10.38 13.84 19.44
N ARG D 96 9.35 14.53 19.92
CA ARG D 96 8.11 13.86 20.30
C ARG D 96 7.33 13.35 19.09
N GLU D 97 7.26 14.16 18.02
CA GLU D 97 6.69 13.70 16.75
C GLU D 97 7.50 12.55 16.17
N ILE D 98 8.83 12.61 16.31
CA ILE D 98 9.67 11.54 15.80
C ILE D 98 9.39 10.25 16.57
N GLN D 99 9.36 10.33 17.90
CA GLN D 99 9.11 9.15 18.71
C GLN D 99 7.75 8.53 18.39
N THR D 100 6.70 9.35 18.29
CA THR D 100 5.39 8.82 17.94
C THR D 100 5.42 8.18 16.55
N ALA D 101 6.08 8.84 15.59
CA ALA D 101 6.21 8.24 14.25
C ALA D 101 6.89 6.88 14.34
N VAL D 102 7.92 6.76 15.18
CA VAL D 102 8.62 5.49 15.31
C VAL D 102 7.71 4.43 15.89
N ARG D 103 6.84 4.82 16.82
CA ARG D 103 5.95 3.86 17.44
C ARG D 103 4.84 3.43 16.48
N LEU D 104 4.41 4.34 15.61
CA LEU D 104 3.47 3.94 14.54
C LEU D 104 4.14 3.05 13.50
N LEU D 105 5.42 3.31 13.21
CA LEU D 105 6.07 2.68 12.06
C LEU D 105 6.61 1.30 12.40
N LEU D 106 7.02 1.08 13.64
CA LEU D 106 7.86 -0.06 13.89
C LEU D 106 7.09 -1.14 14.63
N PRO D 107 7.24 -2.40 14.23
CA PRO D 107 6.53 -3.46 14.93
C PRO D 107 7.19 -3.73 16.27
N GLY D 108 6.35 -4.01 17.28
CA GLY D 108 6.74 -4.69 18.50
C GLY D 108 8.09 -4.34 19.12
N GLU D 109 9.00 -5.32 19.18
CA GLU D 109 10.24 -5.14 19.95
C GLU D 109 11.15 -4.11 19.30
N LEU D 110 11.16 -4.05 17.97
CA LEU D 110 12.01 -3.07 17.28
C LEU D 110 11.69 -1.67 17.76
N ALA D 111 10.41 -1.41 18.04
CA ALA D 111 9.98 -0.09 18.50
C ALA D 111 10.54 0.25 19.87
N LYS D 112 10.45 -0.69 20.82
CA LYS D 112 11.02 -0.47 22.14
C LYS D 112 12.52 -0.21 22.05
N HIS D 113 13.24 -1.03 21.28
CA HIS D 113 14.69 -0.85 21.18
C HIS D 113 15.04 0.47 20.48
N ALA D 114 14.29 0.83 19.45
CA ALA D 114 14.61 2.07 18.74
C ALA D 114 14.30 3.28 19.60
N VAL D 115 13.18 3.25 20.32
CA VAL D 115 12.81 4.34 21.21
C VAL D 115 13.86 4.52 22.29
N SER D 116 14.41 3.41 22.80
CA SER D 116 15.44 3.53 23.82
C SER D 116 16.73 4.14 23.24
N GLU D 117 17.14 3.71 22.03
CA GLU D 117 18.30 4.34 21.40
C GLU D 117 18.07 5.84 21.17
N GLY D 118 16.86 6.22 20.77
CA GLY D 118 16.59 7.62 20.46
C GLY D 118 16.53 8.51 21.70
N THR D 119 15.88 8.04 22.76
CA THR D 119 15.83 8.85 23.97
C THR D 119 17.21 8.95 24.61
N LYS D 120 17.98 7.87 24.56
CA LYS D 120 19.37 7.93 25.03
C LYS D 120 20.19 8.94 24.23
N ALA D 121 20.04 8.95 22.90
CA ALA D 121 20.78 9.93 22.11
C ALA D 121 20.36 11.36 22.43
N VAL D 122 19.06 11.58 22.64
CA VAL D 122 18.61 12.94 22.93
C VAL D 122 19.11 13.40 24.29
N THR D 123 18.93 12.56 25.33
CA THR D 123 19.34 12.97 26.67
C THR D 123 20.85 13.17 26.73
N LYS D 124 21.60 12.34 25.99
CA LYS D 124 23.03 12.56 25.90
C LYS D 124 23.34 13.90 25.22
N TYR D 125 22.63 14.21 24.13
CA TYR D 125 22.89 15.43 23.38
C TYR D 125 22.59 16.67 24.21
N THR D 126 21.49 16.68 24.95
CA THR D 126 21.14 17.87 25.72
C THR D 126 21.99 18.01 26.97
N SER D 127 22.52 16.91 27.51
CA SER D 127 23.46 17.01 28.61
C SER D 127 24.71 17.78 28.23
N ALA D 128 24.88 18.09 26.94
CA ALA D 128 26.08 18.69 26.36
C ALA D 128 27.25 17.70 26.49
N LYS E 40 21.66 -53.25 -20.60
CA LYS E 40 22.15 -51.97 -20.06
C LYS E 40 21.22 -50.81 -20.39
N LYS E 41 20.29 -50.53 -19.48
CA LYS E 41 19.29 -49.51 -19.68
C LYS E 41 19.83 -48.13 -19.28
N PRO E 42 19.66 -47.10 -20.10
CA PRO E 42 20.14 -45.77 -19.73
C PRO E 42 19.44 -45.28 -18.47
N HIS E 43 20.19 -44.60 -17.62
CA HIS E 43 19.63 -44.10 -16.37
C HIS E 43 18.58 -43.04 -16.65
N ARG E 44 17.46 -43.13 -15.94
CA ARG E 44 16.40 -42.14 -16.07
C ARG E 44 15.87 -41.85 -14.67
N TYR E 45 15.89 -40.57 -14.28
CA TYR E 45 15.21 -40.18 -13.05
C TYR E 45 13.70 -40.23 -13.23
N ARG E 46 13.00 -40.54 -12.14
CA ARG E 46 11.55 -40.57 -12.19
C ARG E 46 10.99 -39.15 -12.30
N PRO E 47 9.82 -38.98 -12.96
CA PRO E 47 9.20 -37.66 -13.05
C PRO E 47 9.02 -37.00 -11.70
N GLY E 48 9.59 -35.82 -11.53
CA GLY E 48 9.49 -35.08 -10.29
C GLY E 48 10.81 -34.98 -9.56
N THR E 49 11.69 -35.97 -9.73
CA THR E 49 12.99 -35.94 -9.08
C THR E 49 13.79 -34.73 -9.56
N VAL E 50 13.86 -34.55 -10.88
CA VAL E 50 14.65 -33.44 -11.40
C VAL E 50 13.96 -32.12 -11.09
N ALA E 51 12.63 -32.08 -11.16
CA ALA E 51 11.93 -30.85 -10.76
C ALA E 51 12.30 -30.42 -9.35
N LEU E 52 12.34 -31.37 -8.41
CA LEU E 52 12.69 -31.03 -7.03
C LEU E 52 14.13 -30.54 -6.92
N ARG E 53 15.06 -31.20 -7.62
CA ARG E 53 16.43 -30.69 -7.66
C ARG E 53 16.50 -29.28 -8.23
N GLU E 54 15.70 -28.99 -9.24
CA GLU E 54 15.70 -27.65 -9.82
C GLU E 54 15.16 -26.62 -8.83
N ILE E 55 14.15 -27.01 -8.05
CA ILE E 55 13.68 -26.13 -6.99
C ILE E 55 14.82 -25.80 -6.04
N ARG E 56 15.48 -26.84 -5.50
CA ARG E 56 16.62 -26.60 -4.59
C ARG E 56 17.62 -25.65 -5.21
N ARG E 57 17.97 -25.90 -6.47
CA ARG E 57 19.00 -25.13 -7.16
C ARG E 57 18.60 -23.66 -7.29
N TYR E 58 17.43 -23.39 -7.87
CA TYR E 58 17.06 -22.00 -8.11
C TYR E 58 16.67 -21.27 -6.82
N GLN E 59 16.28 -21.99 -5.77
CA GLN E 59 15.99 -21.33 -4.52
C GLN E 59 17.25 -21.01 -3.74
N LYS E 60 18.35 -21.72 -4.03
CA LYS E 60 19.65 -21.35 -3.49
C LYS E 60 20.21 -20.09 -4.12
N SER E 61 20.02 -19.92 -5.43
CA SER E 61 20.77 -18.88 -6.12
C SER E 61 19.92 -17.60 -6.24
N THR E 62 20.55 -16.55 -6.77
CA THR E 62 19.93 -15.24 -6.88
C THR E 62 20.00 -14.63 -8.28
N GLU E 63 20.59 -15.31 -9.25
CA GLU E 63 20.77 -14.70 -10.56
C GLU E 63 19.40 -14.53 -11.24
N LEU E 64 19.33 -13.57 -12.15
CA LEU E 64 18.09 -13.37 -12.90
C LEU E 64 17.86 -14.55 -13.83
N LEU E 65 16.59 -14.90 -14.02
CA LEU E 65 16.22 -16.14 -14.67
C LEU E 65 15.66 -15.96 -16.08
N ILE E 66 15.26 -14.75 -16.46
CA ILE E 66 14.92 -14.41 -17.83
C ILE E 66 16.18 -13.93 -18.54
N ARG E 67 16.37 -14.36 -19.79
CA ARG E 67 17.51 -13.91 -20.57
C ARG E 67 17.51 -12.39 -20.68
N LYS E 68 18.70 -11.76 -20.64
CA LYS E 68 18.71 -10.30 -20.51
C LYS E 68 18.36 -9.58 -21.83
N LEU E 69 18.97 -9.96 -22.94
CA LEU E 69 18.66 -9.25 -24.18
C LEU E 69 17.18 -9.39 -24.55
N PRO E 70 16.57 -10.59 -24.50
CA PRO E 70 15.12 -10.63 -24.81
C PRO E 70 14.27 -9.81 -23.85
N PHE E 71 14.61 -9.80 -22.55
CA PHE E 71 13.88 -8.92 -21.65
C PHE E 71 14.01 -7.46 -22.08
N GLN E 72 15.21 -7.05 -22.47
CA GLN E 72 15.45 -5.68 -22.91
C GLN E 72 14.63 -5.35 -24.16
N ARG E 73 14.59 -6.27 -25.13
CA ARG E 73 13.74 -6.03 -26.29
C ARG E 73 12.29 -5.84 -25.90
N LEU E 74 11.80 -6.63 -24.94
CA LEU E 74 10.41 -6.50 -24.50
C LEU E 74 10.14 -5.12 -23.90
N VAL E 75 11.01 -4.70 -22.96
CA VAL E 75 10.89 -3.38 -22.33
C VAL E 75 10.86 -2.27 -23.38
N ARG E 76 11.78 -2.33 -24.34
CA ARG E 76 11.85 -1.27 -25.34
C ARG E 76 10.62 -1.29 -26.26
N GLU E 77 10.11 -2.48 -26.57
CA GLU E 77 8.92 -2.57 -27.41
C GLU E 77 7.72 -1.91 -26.73
N ILE E 78 7.47 -2.28 -25.47
CA ILE E 78 6.34 -1.70 -24.74
C ILE E 78 6.52 -0.19 -24.58
N ALA E 79 7.71 0.23 -24.14
CA ALA E 79 7.95 1.65 -23.91
C ALA E 79 7.75 2.46 -25.18
N GLN E 80 8.29 1.97 -26.31
CA GLN E 80 8.15 2.66 -27.57
C GLN E 80 6.69 2.75 -27.99
N ASP E 81 5.87 1.78 -27.59
CA ASP E 81 4.44 1.93 -27.84
C ASP E 81 3.81 2.99 -26.97
N PHE E 82 4.45 3.40 -25.87
CA PHE E 82 3.94 4.60 -25.21
C PHE E 82 4.52 5.90 -25.75
N LYS E 83 5.78 5.90 -26.20
CA LYS E 83 6.48 7.14 -26.51
C LYS E 83 7.64 6.82 -27.45
N THR E 84 7.58 7.31 -28.68
CA THR E 84 8.59 6.96 -29.67
C THR E 84 9.96 7.51 -29.27
N ASP E 85 11.02 6.84 -29.72
CA ASP E 85 12.40 7.33 -29.62
C ASP E 85 12.85 7.57 -28.17
N LEU E 86 12.35 6.79 -27.22
CA LEU E 86 12.88 6.86 -25.86
C LEU E 86 14.18 6.11 -25.79
N ARG E 87 15.08 6.57 -24.92
CA ARG E 87 16.26 5.84 -24.50
C ARG E 87 16.07 5.33 -23.07
N PHE E 88 16.89 4.35 -22.69
CA PHE E 88 16.91 3.79 -21.34
C PHE E 88 18.33 3.79 -20.80
N GLN E 89 18.48 4.21 -19.55
CA GLN E 89 19.68 3.83 -18.82
C GLN E 89 19.66 2.34 -18.64
N SER E 90 20.83 1.70 -18.72
CA SER E 90 20.88 0.24 -18.59
C SER E 90 20.43 -0.20 -17.21
N SER E 91 20.70 0.59 -16.19
CA SER E 91 20.20 0.27 -14.87
C SER E 91 18.66 0.38 -14.80
N ALA E 92 18.05 1.25 -15.60
CA ALA E 92 16.57 1.27 -15.64
C ALA E 92 16.03 -0.07 -16.13
N VAL E 93 16.65 -0.62 -17.19
CA VAL E 93 16.20 -1.92 -17.67
C VAL E 93 16.41 -2.97 -16.58
N MET E 94 17.58 -2.95 -15.92
CA MET E 94 17.83 -3.95 -14.90
C MET E 94 16.86 -3.82 -13.72
N ALA E 95 16.53 -2.59 -13.31
CA ALA E 95 15.53 -2.41 -12.27
C ALA E 95 14.19 -2.99 -12.69
N LEU E 96 13.81 -2.77 -13.96
CA LEU E 96 12.58 -3.37 -14.45
C LEU E 96 12.64 -4.90 -14.40
N GLN E 97 13.79 -5.50 -14.78
CA GLN E 97 13.86 -6.97 -14.75
C GLN E 97 13.81 -7.49 -13.32
N GLU E 98 14.52 -6.85 -12.39
CA GLU E 98 14.47 -7.30 -10.99
C GLU E 98 13.04 -7.27 -10.46
N ALA E 99 12.33 -6.16 -10.70
CA ALA E 99 10.96 -6.05 -10.21
C ALA E 99 10.04 -7.08 -10.88
N CYS E 100 10.21 -7.31 -12.19
CA CYS E 100 9.35 -8.27 -12.87
C CYS E 100 9.58 -9.68 -12.37
N GLU E 101 10.85 -10.04 -12.14
CA GLU E 101 11.13 -11.39 -11.69
C GLU E 101 10.69 -11.58 -10.25
N ALA E 102 10.91 -10.60 -9.38
CA ALA E 102 10.43 -10.75 -8.00
C ALA E 102 8.91 -10.89 -7.98
N TYR E 103 8.21 -10.04 -8.76
CA TYR E 103 6.76 -10.16 -8.87
C TYR E 103 6.34 -11.57 -9.29
N LEU E 104 6.98 -12.10 -10.34
CA LEU E 104 6.51 -13.39 -10.86
C LEU E 104 6.84 -14.54 -9.92
N VAL E 105 8.01 -14.50 -9.27
CA VAL E 105 8.34 -15.50 -8.27
C VAL E 105 7.33 -15.46 -7.12
N GLY E 106 7.02 -14.27 -6.61
CA GLY E 106 6.02 -14.17 -5.57
C GLY E 106 4.67 -14.70 -6.01
N LEU E 107 4.30 -14.44 -7.27
CA LEU E 107 3.02 -14.92 -7.80
C LEU E 107 3.01 -16.43 -7.95
N PHE E 108 4.12 -17.03 -8.39
CA PHE E 108 4.16 -18.48 -8.43
C PHE E 108 4.10 -19.11 -7.03
N GLU E 109 4.67 -18.45 -6.01
CA GLU E 109 4.48 -18.94 -4.64
C GLU E 109 2.99 -18.99 -4.26
N ASP E 110 2.27 -17.88 -4.46
CA ASP E 110 0.83 -17.88 -4.15
C ASP E 110 0.05 -18.89 -4.99
N THR E 111 0.36 -18.95 -6.28
CA THR E 111 -0.27 -19.91 -7.20
C THR E 111 -0.08 -21.32 -6.69
N ASN E 112 1.13 -21.62 -6.25
CA ASN E 112 1.40 -22.95 -5.71
C ASN E 112 0.57 -23.21 -4.46
N LEU E 113 0.40 -22.21 -3.59
CA LEU E 113 -0.45 -22.40 -2.42
C LEU E 113 -1.88 -22.77 -2.84
N CYS E 114 -2.38 -22.15 -3.92
CA CYS E 114 -3.72 -22.48 -4.38
C CYS E 114 -3.79 -23.88 -4.95
N ALA E 115 -2.78 -24.29 -5.72
CA ALA E 115 -2.80 -25.63 -6.30
C ALA E 115 -2.75 -26.69 -5.22
N ILE E 116 -1.91 -26.48 -4.19
CA ILE E 116 -1.90 -27.42 -3.07
C ILE E 116 -3.23 -27.42 -2.33
N HIS E 117 -3.85 -26.24 -2.19
CA HIS E 117 -5.13 -26.16 -1.50
C HIS E 117 -6.18 -27.08 -2.14
N ALA E 118 -6.10 -27.26 -3.45
CA ALA E 118 -6.98 -28.15 -4.19
C ALA E 118 -6.42 -29.56 -4.32
N LYS E 119 -5.43 -29.92 -3.49
CA LYS E 119 -4.88 -31.27 -3.47
C LYS E 119 -4.22 -31.65 -4.79
N ARG E 120 -3.62 -30.68 -5.46
CA ARG E 120 -2.83 -30.91 -6.66
C ARG E 120 -1.39 -30.53 -6.37
N VAL E 121 -0.47 -31.06 -7.18
CA VAL E 121 0.92 -30.60 -7.22
C VAL E 121 1.22 -29.80 -8.47
N THR E 122 0.24 -29.67 -9.36
CA THR E 122 0.39 -29.07 -10.69
C THR E 122 -0.31 -27.73 -10.67
N ILE E 123 0.42 -26.64 -10.94
CA ILE E 123 -0.23 -25.34 -11.03
C ILE E 123 -0.93 -25.20 -12.37
N MET E 124 -2.06 -24.52 -12.37
CA MET E 124 -2.93 -24.36 -13.53
C MET E 124 -3.39 -22.91 -13.60
N PRO E 125 -3.83 -22.45 -14.78
CA PRO E 125 -4.34 -21.07 -14.91
C PRO E 125 -5.31 -20.65 -13.81
N LYS E 126 -6.18 -21.55 -13.36
CA LYS E 126 -7.17 -21.16 -12.35
C LYS E 126 -6.49 -20.85 -11.02
N ASP E 127 -5.33 -21.47 -10.75
CA ASP E 127 -4.57 -21.12 -9.55
C ASP E 127 -4.03 -19.70 -9.66
N ILE E 128 -3.42 -19.37 -10.80
CA ILE E 128 -2.92 -18.03 -11.03
C ILE E 128 -4.06 -17.01 -10.87
N GLN E 129 -5.22 -17.33 -11.44
CA GLN E 129 -6.31 -16.37 -11.41
C GLN E 129 -6.89 -16.22 -10.01
N LEU E 130 -6.95 -17.30 -9.23
CA LEU E 130 -7.40 -17.17 -7.84
C LEU E 130 -6.42 -16.32 -7.03
N ALA E 131 -5.12 -16.57 -7.18
CA ALA E 131 -4.16 -15.80 -6.41
C ALA E 131 -4.22 -14.33 -6.78
N ARG E 132 -4.35 -14.04 -8.07
CA ARG E 132 -4.42 -12.63 -8.46
C ARG E 132 -5.72 -12.00 -7.96
N ARG E 133 -6.81 -12.76 -7.96
CA ARG E 133 -8.06 -12.22 -7.42
C ARG E 133 -7.93 -11.89 -5.94
N ILE E 134 -7.39 -12.82 -5.14
CA ILE E 134 -7.25 -12.47 -3.73
C ILE E 134 -6.21 -11.39 -3.49
N ARG E 135 -5.24 -11.22 -4.41
CA ARG E 135 -4.28 -10.13 -4.25
C ARG E 135 -4.85 -8.78 -4.59
N GLY E 136 -6.04 -8.72 -5.19
CA GLY E 136 -6.55 -7.44 -5.62
C GLY E 136 -6.08 -6.98 -6.98
N GLU E 137 -5.36 -7.81 -7.71
CA GLU E 137 -4.99 -7.46 -9.07
C GLU E 137 -6.18 -7.62 -10.00
N ARG E 138 -6.12 -6.99 -11.16
CA ARG E 138 -7.20 -7.09 -12.13
C ARG E 138 -7.23 -8.45 -12.84
N HIS F 22 15.76 3.45 -36.18
CA HIS F 22 16.99 3.07 -36.88
C HIS F 22 17.28 1.59 -36.70
N ARG F 23 17.16 1.09 -35.46
CA ARG F 23 17.26 -0.34 -35.24
C ARG F 23 16.07 -1.05 -35.89
N LYS F 24 16.23 -2.35 -36.09
CA LYS F 24 15.16 -3.21 -36.57
C LYS F 24 13.90 -3.01 -35.72
N VAL F 25 12.74 -3.03 -36.37
CA VAL F 25 11.49 -2.82 -35.65
C VAL F 25 11.26 -3.97 -34.67
N LEU F 26 10.89 -3.64 -33.44
CA LEU F 26 10.64 -4.65 -32.43
C LEU F 26 9.21 -5.15 -32.54
N ARG F 27 9.02 -6.46 -32.73
CA ARG F 27 7.70 -7.05 -32.71
C ARG F 27 7.74 -8.34 -31.91
N ASP F 28 6.62 -8.64 -31.24
CA ASP F 28 6.35 -9.97 -30.70
C ASP F 28 7.37 -10.40 -29.64
N ASN F 29 7.94 -9.47 -28.91
CA ASN F 29 9.00 -9.85 -27.99
C ASN F 29 8.49 -10.45 -26.69
N ILE F 30 7.18 -10.45 -26.42
CA ILE F 30 6.68 -11.20 -25.26
C ILE F 30 7.05 -12.68 -25.39
N GLN F 31 7.24 -13.16 -26.61
CA GLN F 31 7.63 -14.55 -26.78
C GLN F 31 9.05 -14.79 -26.32
N GLY F 32 9.85 -13.74 -26.21
CA GLY F 32 11.19 -13.88 -25.68
C GLY F 32 11.21 -14.41 -24.27
N ILE F 33 10.09 -14.35 -23.56
CA ILE F 33 9.97 -14.93 -22.23
C ILE F 33 9.58 -16.40 -22.42
N THR F 34 10.61 -17.23 -22.50
CA THR F 34 10.51 -18.60 -22.97
C THR F 34 9.92 -19.52 -21.91
N LYS F 35 9.45 -20.65 -22.39
CA LYS F 35 8.99 -21.70 -21.48
C LYS F 35 10.04 -22.05 -20.45
N PRO F 36 11.33 -22.29 -20.78
CA PRO F 36 12.30 -22.58 -19.72
C PRO F 36 12.51 -21.42 -18.76
N ALA F 37 12.41 -20.16 -19.22
CA ALA F 37 12.54 -19.05 -18.29
C ALA F 37 11.40 -19.05 -17.29
N ILE F 38 10.19 -19.30 -17.78
CA ILE F 38 9.04 -19.34 -16.89
C ILE F 38 9.17 -20.51 -15.91
N ARG F 39 9.60 -21.67 -16.40
CA ARG F 39 9.82 -22.84 -15.54
C ARG F 39 10.85 -22.53 -14.45
N ARG F 40 11.95 -21.87 -14.79
CA ARG F 40 12.91 -21.47 -13.75
C ARG F 40 12.29 -20.54 -12.72
N LEU F 41 11.52 -19.54 -13.16
CA LEU F 41 10.85 -18.66 -12.20
C LEU F 41 9.91 -19.44 -11.28
N ALA F 42 9.13 -20.36 -11.86
CA ALA F 42 8.24 -21.16 -11.03
C ALA F 42 9.01 -22.03 -10.04
N ARG F 43 10.19 -22.54 -10.45
CA ARG F 43 10.99 -23.36 -9.56
C ARG F 43 11.50 -22.54 -8.38
N ARG F 44 11.99 -21.33 -8.64
CA ARG F 44 12.37 -20.46 -7.54
C ARG F 44 11.15 -20.19 -6.65
N GLY F 45 9.96 -20.17 -7.23
CA GLY F 45 8.75 -20.08 -6.44
C GLY F 45 8.29 -21.37 -5.81
N GLY F 46 9.03 -22.46 -5.93
CA GLY F 46 8.67 -23.69 -5.23
C GLY F 46 7.77 -24.63 -5.99
N VAL F 47 7.54 -24.39 -7.30
CA VAL F 47 6.55 -25.14 -8.05
C VAL F 47 7.19 -26.40 -8.63
N LYS F 48 6.52 -27.53 -8.47
CA LYS F 48 7.06 -28.82 -8.91
C LYS F 48 6.53 -29.29 -10.26
N ARG F 49 5.30 -28.93 -10.61
CA ARG F 49 4.65 -29.41 -11.81
C ARG F 49 3.83 -28.26 -12.39
N ILE F 50 3.74 -28.20 -13.72
CA ILE F 50 3.28 -26.99 -14.41
C ILE F 50 2.37 -27.41 -15.58
N SER F 51 1.12 -26.94 -15.56
CA SER F 51 0.22 -27.16 -16.69
C SER F 51 0.78 -26.54 -17.96
N GLY F 52 0.54 -27.19 -19.10
CA GLY F 52 0.98 -26.61 -20.36
C GLY F 52 0.39 -25.24 -20.64
N LEU F 53 -0.77 -24.93 -20.07
CA LEU F 53 -1.38 -23.62 -20.29
C LEU F 53 -0.78 -22.50 -19.43
N ILE F 54 0.12 -22.80 -18.50
CA ILE F 54 0.67 -21.75 -17.64
C ILE F 54 1.49 -20.73 -18.46
N TYR F 55 2.26 -21.21 -19.44
CA TYR F 55 3.24 -20.34 -20.12
C TYR F 55 2.56 -19.14 -20.74
N GLU F 56 1.48 -19.36 -21.50
CA GLU F 56 0.81 -18.22 -22.12
C GLU F 56 0.12 -17.37 -21.06
N GLU F 57 -0.45 -18.00 -20.04
CA GLU F 57 -1.06 -17.21 -18.97
C GLU F 57 0.00 -16.31 -18.34
N THR F 58 1.20 -16.86 -18.14
CA THR F 58 2.23 -16.07 -17.48
C THR F 58 2.67 -14.95 -18.38
N ARG F 59 2.72 -15.20 -19.69
CA ARG F 59 3.10 -14.13 -20.61
C ARG F 59 2.12 -12.99 -20.50
N GLY F 60 0.80 -13.32 -20.50
CA GLY F 60 -0.19 -12.28 -20.39
C GLY F 60 -0.04 -11.48 -19.12
N VAL F 61 0.16 -12.17 -17.99
CA VAL F 61 0.26 -11.47 -16.72
C VAL F 61 1.49 -10.58 -16.73
N LEU F 62 2.61 -11.11 -17.23
CA LEU F 62 3.83 -10.31 -17.22
C LEU F 62 3.63 -9.06 -18.06
N LYS F 63 3.01 -9.22 -19.24
CA LYS F 63 2.90 -8.06 -20.12
C LYS F 63 2.12 -6.96 -19.43
N VAL F 64 1.02 -7.34 -18.75
CA VAL F 64 0.22 -6.32 -18.05
C VAL F 64 1.07 -5.64 -16.99
N PHE F 65 1.74 -6.44 -16.16
CA PHE F 65 2.57 -5.86 -15.11
C PHE F 65 3.56 -4.88 -15.71
N LEU F 66 4.25 -5.32 -16.76
CA LEU F 66 5.34 -4.51 -17.27
C LEU F 66 4.80 -3.24 -17.88
N GLU F 67 3.69 -3.37 -18.63
CA GLU F 67 3.05 -2.21 -19.24
C GLU F 67 2.73 -1.19 -18.16
N ASN F 68 2.16 -1.66 -17.06
CA ASN F 68 1.70 -0.70 -16.05
C ASN F 68 2.91 0.02 -15.46
N VAL F 69 3.99 -0.74 -15.17
CA VAL F 69 5.15 -0.06 -14.59
C VAL F 69 5.72 0.92 -15.59
N ILE F 70 5.81 0.49 -16.86
CA ILE F 70 6.52 1.33 -17.82
C ILE F 70 5.69 2.57 -18.09
N ARG F 71 4.36 2.43 -18.08
CA ARG F 71 3.52 3.59 -18.30
C ARG F 71 3.86 4.68 -17.31
N ASP F 72 3.99 4.30 -16.03
CA ASP F 72 4.26 5.33 -15.03
C ASP F 72 5.70 5.82 -15.16
N ALA F 73 6.64 4.92 -15.45
CA ALA F 73 8.01 5.40 -15.60
C ALA F 73 8.07 6.42 -16.71
N VAL F 74 7.36 6.17 -17.81
CA VAL F 74 7.47 7.12 -18.91
C VAL F 74 6.78 8.42 -18.54
N THR F 75 5.72 8.34 -17.72
CA THR F 75 5.06 9.58 -17.31
C THR F 75 6.05 10.44 -16.52
N TYR F 76 6.86 9.80 -15.66
CA TYR F 76 7.88 10.55 -14.94
C TYR F 76 8.93 11.10 -15.92
N THR F 77 9.35 10.27 -16.88
CA THR F 77 10.31 10.74 -17.85
C THR F 77 9.75 11.94 -18.58
N GLU F 78 8.48 11.87 -18.96
CA GLU F 78 7.98 13.01 -19.73
C GLU F 78 7.80 14.21 -18.84
N HIS F 79 7.50 14.00 -17.55
CA HIS F 79 7.35 15.19 -16.73
C HIS F 79 8.67 15.93 -16.61
N ALA F 80 9.77 15.19 -16.50
CA ALA F 80 11.12 15.74 -16.42
C ALA F 80 11.63 16.26 -17.76
N LYS F 81 10.85 16.22 -18.83
CA LYS F 81 11.30 16.70 -20.15
C LYS F 81 12.56 15.97 -20.62
N ARG F 82 12.61 14.66 -20.39
CA ARG F 82 13.78 13.88 -20.81
C ARG F 82 13.41 12.94 -21.93
N LYS F 83 14.41 12.50 -22.68
CA LYS F 83 14.23 11.45 -23.66
C LYS F 83 14.71 10.10 -23.16
N THR F 84 15.25 10.05 -21.94
CA THR F 84 15.89 8.87 -21.41
C THR F 84 15.17 8.44 -20.15
N VAL F 85 14.66 7.21 -20.14
CA VAL F 85 14.09 6.66 -18.91
C VAL F 85 15.24 6.33 -17.96
N THR F 86 15.22 6.94 -16.79
CA THR F 86 16.25 6.65 -15.81
C THR F 86 15.81 5.54 -14.88
N ALA F 87 16.79 4.98 -14.16
CA ALA F 87 16.47 4.04 -13.10
C ALA F 87 15.54 4.68 -12.07
N MET F 88 15.73 5.96 -11.76
CA MET F 88 14.85 6.63 -10.79
C MET F 88 13.41 6.70 -11.30
N ASP F 89 13.20 7.01 -12.59
CA ASP F 89 11.83 6.93 -13.12
C ASP F 89 11.21 5.57 -12.80
N VAL F 90 11.99 4.50 -12.99
CA VAL F 90 11.45 3.17 -12.71
C VAL F 90 11.19 2.98 -11.22
N VAL F 91 12.15 3.39 -10.38
CA VAL F 91 11.99 3.24 -8.93
C VAL F 91 10.74 3.98 -8.47
N TYR F 92 10.56 5.20 -8.95
CA TYR F 92 9.38 5.98 -8.58
C TYR F 92 8.10 5.31 -9.06
N ALA F 93 8.08 4.82 -10.31
CA ALA F 93 6.90 4.10 -10.79
C ALA F 93 6.58 2.90 -9.91
N LEU F 94 7.60 2.12 -9.54
CA LEU F 94 7.37 0.94 -8.73
C LEU F 94 6.83 1.35 -7.38
N LYS F 95 7.36 2.43 -6.80
CA LYS F 95 6.84 2.92 -5.53
C LYS F 95 5.39 3.35 -5.66
N ARG F 96 5.06 4.07 -6.73
CA ARG F 96 3.69 4.51 -6.87
C ARG F 96 2.76 3.32 -7.03
N GLN F 97 3.27 2.18 -7.47
CA GLN F 97 2.44 0.99 -7.51
C GLN F 97 2.53 0.12 -6.27
N GLY F 98 3.12 0.61 -5.19
CA GLY F 98 3.23 -0.25 -4.02
C GLY F 98 4.14 -1.44 -4.19
N ARG F 99 5.08 -1.40 -5.14
CA ARG F 99 6.08 -2.45 -5.30
C ARG F 99 7.49 -1.90 -5.13
N THR F 100 7.72 -1.20 -4.01
CA THR F 100 9.01 -0.58 -3.76
C THR F 100 10.17 -1.52 -4.07
N LEU F 101 11.18 -0.97 -4.72
CA LEU F 101 12.40 -1.69 -5.09
C LEU F 101 13.59 -1.00 -4.45
N TYR F 102 14.42 -1.77 -3.78
CA TYR F 102 15.68 -1.34 -3.19
C TYR F 102 16.84 -1.73 -4.08
N GLY F 103 17.84 -0.85 -4.16
CA GLY F 103 19.08 -1.19 -4.80
C GLY F 103 19.41 -0.43 -6.07
N PHE F 104 18.61 0.59 -6.42
CA PHE F 104 18.82 1.27 -7.69
C PHE F 104 18.77 2.79 -7.51
N GLY F 105 18.95 3.27 -6.28
CA GLY F 105 18.84 4.69 -5.99
C GLY F 105 20.07 5.56 -6.26
N VAL G 21 -15.05 39.40 -8.42
CA VAL G 21 -15.23 38.10 -9.04
C VAL G 21 -14.26 37.06 -8.46
N SER G 22 -14.81 35.97 -7.94
CA SER G 22 -14.01 34.96 -7.28
C SER G 22 -13.25 34.13 -8.30
N ARG G 23 -12.12 33.58 -7.86
CA ARG G 23 -11.32 32.73 -8.74
C ARG G 23 -12.12 31.51 -9.18
N SER G 24 -12.92 30.91 -8.28
CA SER G 24 -13.79 29.82 -8.67
C SER G 24 -14.65 30.21 -9.87
N GLN G 25 -15.39 31.31 -9.73
CA GLN G 25 -16.27 31.78 -10.80
C GLN G 25 -15.49 32.05 -12.09
N ARG G 26 -14.34 32.71 -12.01
CA ARG G 26 -13.52 32.95 -13.20
C ARG G 26 -13.24 31.66 -13.95
N ALA G 27 -12.92 30.59 -13.22
CA ALA G 27 -12.66 29.28 -13.81
C ALA G 27 -13.92 28.53 -14.18
N GLY G 28 -15.08 29.08 -13.88
CA GLY G 28 -16.31 28.35 -14.13
C GLY G 28 -16.53 27.17 -13.22
N LEU G 29 -16.03 27.25 -11.98
CA LEU G 29 -16.05 26.12 -11.06
C LEU G 29 -16.96 26.41 -9.87
N GLN G 30 -17.44 25.33 -9.25
CA GLN G 30 -18.12 25.39 -7.96
C GLN G 30 -17.16 25.12 -6.79
N PHE G 31 -16.12 24.32 -7.00
CA PHE G 31 -15.19 24.02 -5.92
C PHE G 31 -14.30 25.24 -5.65
N PRO G 32 -13.83 25.42 -4.39
CA PRO G 32 -13.27 26.73 -4.00
C PRO G 32 -11.80 26.89 -4.32
N VAL G 33 -11.48 27.69 -5.33
CA VAL G 33 -10.10 27.81 -5.81
C VAL G 33 -9.20 28.43 -4.74
N GLY G 34 -9.66 29.51 -4.09
CA GLY G 34 -8.83 30.16 -3.08
C GLY G 34 -8.52 29.28 -1.89
N ARG G 35 -9.54 28.61 -1.34
CA ARG G 35 -9.31 27.67 -0.25
C ARG G 35 -8.31 26.59 -0.66
N ILE G 36 -8.51 26.00 -1.84
CA ILE G 36 -7.62 24.93 -2.30
C ILE G 36 -6.22 25.46 -2.51
N HIS G 37 -6.09 26.71 -2.97
CA HIS G 37 -4.79 27.34 -3.13
C HIS G 37 -4.08 27.47 -1.80
N ARG G 38 -4.81 27.88 -0.75
CA ARG G 38 -4.23 27.91 0.59
C ARG G 38 -3.79 26.52 1.04
N HIS G 39 -4.61 25.49 0.80
CA HIS G 39 -4.23 24.15 1.24
C HIS G 39 -2.97 23.65 0.52
N LEU G 40 -2.92 23.84 -0.80
CA LEU G 40 -1.71 23.49 -1.54
C LEU G 40 -0.50 24.26 -0.99
N LYS G 41 -0.67 25.56 -0.74
CA LYS G 41 0.41 26.33 -0.15
C LYS G 41 0.86 25.72 1.17
N SER G 42 -0.06 25.09 1.89
CA SER G 42 0.28 24.44 3.16
C SER G 42 0.97 23.10 2.98
N ARG G 43 0.83 22.44 1.83
CA ARG G 43 1.61 21.22 1.59
C ARG G 43 2.88 21.46 0.77
N THR G 44 3.56 22.61 0.90
CA THR G 44 4.84 22.77 0.24
C THR G 44 5.98 22.53 1.21
N THR G 45 7.14 22.20 0.64
CA THR G 45 8.39 22.26 1.39
C THR G 45 8.71 23.70 1.75
N ARG G 46 9.66 23.84 2.67
CA ARG G 46 10.31 25.11 2.92
C ARG G 46 10.69 25.76 1.58
N HIS G 47 10.39 27.05 1.46
CA HIS G 47 10.58 27.85 0.25
C HIS G 47 9.66 27.40 -0.89
N GLY G 48 8.68 26.55 -0.62
CA GLY G 48 7.79 26.09 -1.68
C GLY G 48 6.82 27.16 -2.12
N ARG G 49 6.50 27.13 -3.40
CA ARG G 49 5.56 28.06 -4.00
C ARG G 49 4.45 27.29 -4.68
N VAL G 50 3.36 28.00 -5.01
CA VAL G 50 2.25 27.43 -5.74
C VAL G 50 1.94 28.32 -6.92
N GLY G 51 1.92 27.75 -8.11
CA GLY G 51 1.72 28.53 -9.30
C GLY G 51 0.33 29.12 -9.41
N ALA G 52 0.22 30.08 -10.33
CA ALA G 52 -1.00 30.87 -10.46
C ALA G 52 -2.22 30.01 -10.76
N THR G 53 -2.05 28.90 -11.47
CA THR G 53 -3.19 28.12 -11.94
C THR G 53 -3.30 26.73 -11.31
N ALA G 54 -2.45 26.38 -10.35
CA ALA G 54 -2.47 25.00 -9.85
C ALA G 54 -3.71 24.73 -9.02
N ALA G 55 -4.18 25.73 -8.28
CA ALA G 55 -5.42 25.58 -7.52
C ALA G 55 -6.63 25.47 -8.44
N VAL G 56 -6.61 26.20 -9.56
CA VAL G 56 -7.71 26.08 -10.53
C VAL G 56 -7.78 24.66 -11.06
N TYR G 57 -6.64 24.12 -11.50
CA TYR G 57 -6.61 22.78 -12.03
C TYR G 57 -7.04 21.75 -10.98
N SER G 58 -6.47 21.85 -9.76
CA SER G 58 -6.87 20.96 -8.67
C SER G 58 -8.38 21.01 -8.41
N ALA G 59 -8.91 22.22 -8.26
CA ALA G 59 -10.35 22.35 -7.98
C ALA G 59 -11.16 21.71 -9.08
N ALA G 60 -10.68 21.80 -10.32
CA ALA G 60 -11.42 21.26 -11.46
C ALA G 60 -11.43 19.74 -11.44
N ILE G 61 -10.31 19.12 -11.08
CA ILE G 61 -10.25 17.68 -10.92
C ILE G 61 -11.20 17.22 -9.83
N LEU G 62 -11.15 17.90 -8.67
CA LEU G 62 -11.99 17.49 -7.55
C LEU G 62 -13.47 17.61 -7.91
N GLU G 63 -13.84 18.69 -8.60
CA GLU G 63 -15.22 18.88 -9.01
C GLU G 63 -15.63 17.82 -10.04
N TYR G 64 -14.71 17.47 -10.95
CA TYR G 64 -15.05 16.47 -11.97
C TYR G 64 -15.33 15.12 -11.33
N LEU G 65 -14.46 14.66 -10.43
CA LEU G 65 -14.69 13.36 -9.80
C LEU G 65 -15.92 13.37 -8.91
N THR G 66 -16.12 14.47 -8.16
CA THR G 66 -17.34 14.62 -7.37
C THR G 66 -18.58 14.50 -8.26
N ALA G 67 -18.56 15.13 -9.45
CA ALA G 67 -19.73 15.07 -10.33
C ALA G 67 -19.95 13.68 -10.89
N GLU G 68 -18.88 12.97 -11.24
CA GLU G 68 -19.05 11.59 -11.73
C GLU G 68 -19.68 10.70 -10.66
N VAL G 69 -19.14 10.75 -9.44
CA VAL G 69 -19.69 9.95 -8.34
C VAL G 69 -21.16 10.31 -8.07
N LEU G 70 -21.47 11.61 -7.98
CA LEU G 70 -22.85 12.01 -7.68
C LEU G 70 -23.80 11.68 -8.82
N GLU G 71 -23.34 11.80 -10.06
CA GLU G 71 -24.19 11.45 -11.19
C GLU G 71 -24.60 10.00 -11.12
N LEU G 72 -23.63 9.11 -10.87
CA LEU G 72 -23.96 7.70 -10.80
C LEU G 72 -24.85 7.38 -9.60
N ALA G 73 -24.49 7.92 -8.44
CA ALA G 73 -25.27 7.62 -7.24
C ALA G 73 -26.68 8.19 -7.35
N GLY G 74 -26.82 9.36 -7.98
CA GLY G 74 -28.14 9.92 -8.18
C GLY G 74 -28.97 9.08 -9.13
N ASN G 75 -28.34 8.54 -10.18
CA ASN G 75 -29.02 7.55 -11.00
C ASN G 75 -29.54 6.39 -10.14
N ALA G 76 -28.69 5.85 -9.26
CA ALA G 76 -29.14 4.76 -8.38
C ALA G 76 -30.33 5.19 -7.51
N SER G 77 -30.23 6.37 -6.89
CA SER G 77 -31.30 6.81 -5.99
C SER G 77 -32.62 6.96 -6.74
N LYS G 78 -32.59 7.56 -7.93
CA LYS G 78 -33.82 7.67 -8.71
C LYS G 78 -34.36 6.30 -9.10
N ASP G 79 -33.47 5.38 -9.46
CA ASP G 79 -33.93 4.03 -9.84
C ASP G 79 -34.62 3.33 -8.68
N LEU G 80 -34.28 3.67 -7.45
CA LEU G 80 -34.92 3.11 -6.27
C LEU G 80 -36.04 4.03 -5.77
N LYS G 81 -36.32 5.10 -6.50
CA LYS G 81 -37.40 6.06 -6.22
C LYS G 81 -37.37 6.54 -4.76
N VAL G 82 -36.20 7.01 -4.35
CA VAL G 82 -36.06 7.84 -3.16
C VAL G 82 -35.40 9.15 -3.59
N LYS G 83 -35.53 10.16 -2.74
CA LYS G 83 -35.06 11.47 -3.20
C LYS G 83 -33.64 11.76 -2.75
N ARG G 84 -33.08 11.00 -1.81
CA ARG G 84 -31.76 11.32 -1.27
C ARG G 84 -30.76 10.20 -1.54
N ILE G 85 -29.57 10.63 -1.98
CA ILE G 85 -28.41 9.74 -2.06
C ILE G 85 -28.00 9.33 -0.66
N THR G 86 -27.82 8.04 -0.43
CA THR G 86 -27.32 7.48 0.80
C THR G 86 -25.95 6.84 0.56
N PRO G 87 -25.23 6.47 1.63
CA PRO G 87 -24.02 5.66 1.45
C PRO G 87 -24.21 4.44 0.59
N ARG G 88 -25.37 3.80 0.70
CA ARG G 88 -25.67 2.62 -0.11
C ARG G 88 -25.59 2.94 -1.60
N HIS G 89 -26.22 4.05 -2.02
CA HIS G 89 -26.18 4.43 -3.43
C HIS G 89 -24.78 4.79 -3.88
N LEU G 90 -23.99 5.39 -3.00
CA LEU G 90 -22.61 5.67 -3.35
C LEU G 90 -21.85 4.37 -3.56
N GLN G 91 -22.10 3.38 -2.71
CA GLN G 91 -21.41 2.11 -2.82
C GLN G 91 -21.80 1.39 -4.11
N LEU G 92 -23.09 1.33 -4.42
CA LEU G 92 -23.51 0.75 -5.69
C LEU G 92 -22.88 1.48 -6.87
N ALA G 93 -22.91 2.82 -6.84
CA ALA G 93 -22.33 3.60 -7.95
C ALA G 93 -20.85 3.30 -8.12
N ILE G 94 -20.09 3.37 -7.04
CA ILE G 94 -18.64 3.24 -7.13
C ILE G 94 -18.26 1.81 -7.49
N ARG G 95 -18.78 0.83 -6.75
CA ARG G 95 -18.43 -0.56 -7.00
C ARG G 95 -18.92 -1.07 -8.34
N GLY G 96 -19.96 -0.47 -8.91
CA GLY G 96 -20.41 -0.88 -10.23
C GLY G 96 -19.69 -0.24 -11.41
N ASP G 97 -18.67 0.57 -11.15
CA ASP G 97 -17.96 1.29 -12.19
C ASP G 97 -16.48 0.95 -12.06
N GLU G 98 -15.94 0.25 -13.04
CA GLU G 98 -14.62 -0.35 -12.88
C GLU G 98 -13.56 0.70 -12.57
N GLU G 99 -13.65 1.88 -13.20
CA GLU G 99 -12.66 2.91 -12.95
C GLU G 99 -12.80 3.50 -11.56
N LEU G 100 -14.02 3.87 -11.17
CA LEU G 100 -14.21 4.39 -9.83
C LEU G 100 -13.88 3.32 -8.79
N ASP G 101 -14.26 2.08 -9.07
CA ASP G 101 -13.95 0.97 -8.17
C ASP G 101 -12.44 0.89 -7.93
N SER G 102 -11.64 1.03 -8.98
CA SER G 102 -10.20 0.92 -8.78
C SER G 102 -9.61 2.19 -8.15
N LEU G 103 -10.21 3.36 -8.41
CA LEU G 103 -9.72 4.60 -7.80
C LEU G 103 -10.00 4.67 -6.30
N ILE G 104 -11.16 4.18 -5.87
CA ILE G 104 -11.66 4.36 -4.52
C ILE G 104 -11.65 2.99 -3.86
N LYS G 105 -10.59 2.64 -3.14
CA LYS G 105 -10.53 1.38 -2.42
C LYS G 105 -11.00 1.51 -0.97
N ALA G 106 -11.22 2.72 -0.50
CA ALA G 106 -11.58 2.95 0.89
C ALA G 106 -12.92 2.32 1.22
N THR G 107 -13.11 2.01 2.49
CA THR G 107 -14.37 1.48 2.97
C THR G 107 -15.42 2.59 2.98
N ILE G 108 -16.54 2.36 2.28
CA ILE G 108 -17.71 3.23 2.34
C ILE G 108 -18.55 2.76 3.53
N ALA G 109 -18.41 3.44 4.67
CA ALA G 109 -19.16 3.08 5.86
C ALA G 109 -20.66 3.07 5.58
N GLY G 110 -21.31 1.98 5.94
CA GLY G 110 -22.74 1.83 5.74
C GLY G 110 -23.16 1.56 4.32
N GLY G 111 -22.22 1.17 3.46
CA GLY G 111 -22.57 0.95 2.08
C GLY G 111 -22.97 -0.48 1.77
N GLY G 112 -22.66 -1.41 2.66
CA GLY G 112 -22.87 -2.82 2.34
C GLY G 112 -22.01 -3.24 1.15
N VAL G 113 -22.35 -4.38 0.55
CA VAL G 113 -21.69 -4.89 -0.64
C VAL G 113 -22.71 -4.97 -1.77
N ILE G 114 -22.21 -5.24 -2.97
CA ILE G 114 -23.09 -5.48 -4.12
C ILE G 114 -23.55 -6.93 -4.10
N PRO G 115 -24.84 -7.20 -4.31
CA PRO G 115 -25.31 -8.59 -4.26
C PRO G 115 -24.64 -9.46 -5.31
N HIS G 116 -24.21 -10.63 -4.86
CA HIS G 116 -23.59 -11.61 -5.72
C HIS G 116 -23.51 -12.95 -5.02
N ILE G 117 -24.06 -13.98 -5.66
CA ILE G 117 -23.95 -15.36 -5.20
C ILE G 117 -23.21 -16.16 -6.25
N HIS G 118 -22.18 -16.87 -5.84
CA HIS G 118 -21.38 -17.64 -6.78
C HIS G 118 -22.21 -18.79 -7.37
N LYS G 119 -21.89 -19.13 -8.63
CA LYS G 119 -22.74 -20.04 -9.40
C LYS G 119 -22.92 -21.39 -8.71
N SER G 120 -21.89 -21.90 -8.07
CA SER G 120 -21.99 -23.23 -7.49
C SER G 120 -22.77 -23.25 -6.17
N LEU G 121 -23.19 -22.11 -5.66
CA LEU G 121 -23.91 -22.04 -4.39
C LEU G 121 -25.42 -21.98 -4.57
N ILE G 122 -25.91 -22.23 -5.79
CA ILE G 122 -27.35 -22.17 -6.03
C ILE G 122 -27.94 -23.57 -6.17
N SER H 36 -8.22 27.99 11.11
CA SER H 36 -9.15 28.36 12.17
C SER H 36 -10.51 27.68 11.97
N ARG H 37 -11.23 28.03 10.89
CA ARG H 37 -12.60 27.52 10.69
C ARG H 37 -12.58 26.02 10.42
N LYS H 38 -13.62 25.33 10.92
CA LYS H 38 -13.82 23.90 10.69
C LYS H 38 -14.37 23.70 9.27
N GLU H 39 -13.46 23.53 8.33
CA GLU H 39 -13.83 23.54 6.92
C GLU H 39 -14.50 22.24 6.50
N SER H 40 -15.36 22.35 5.49
CA SER H 40 -16.04 21.20 4.88
C SER H 40 -16.18 21.49 3.40
N TYR H 41 -16.30 20.43 2.60
CA TYR H 41 -16.61 20.59 1.18
C TYR H 41 -18.12 20.50 0.91
N SER H 42 -18.94 20.45 1.97
CA SER H 42 -20.35 20.15 1.82
C SER H 42 -21.05 21.09 0.88
N ILE H 43 -20.84 22.40 1.01
CA ILE H 43 -21.63 23.31 0.19
C ILE H 43 -21.28 23.14 -1.29
N TYR H 44 -20.02 22.85 -1.61
CA TYR H 44 -19.63 22.70 -3.01
C TYR H 44 -20.10 21.37 -3.57
N VAL H 45 -19.99 20.32 -2.77
CA VAL H 45 -20.57 19.04 -3.18
C VAL H 45 -22.05 19.21 -3.45
N TYR H 46 -22.75 19.95 -2.60
CA TYR H 46 -24.19 20.16 -2.80
C TYR H 46 -24.46 20.94 -4.09
N LYS H 47 -23.64 21.96 -4.38
CA LYS H 47 -23.82 22.71 -5.63
C LYS H 47 -23.59 21.84 -6.86
N VAL H 48 -22.65 20.90 -6.78
CA VAL H 48 -22.47 19.96 -7.88
C VAL H 48 -23.67 19.04 -7.99
N LEU H 49 -24.17 18.56 -6.85
CA LEU H 49 -25.37 17.72 -6.83
C LEU H 49 -26.53 18.41 -7.53
N LYS H 50 -26.72 19.70 -7.25
CA LYS H 50 -27.81 20.41 -7.89
C LYS H 50 -27.56 20.63 -9.37
N GLN H 51 -26.29 20.66 -9.78
CA GLN H 51 -26.01 20.70 -11.22
C GLN H 51 -26.41 19.40 -11.91
N VAL H 52 -26.00 18.26 -11.35
CA VAL H 52 -26.17 16.99 -12.09
C VAL H 52 -27.54 16.36 -11.89
N HIS H 53 -28.15 16.54 -10.71
CA HIS H 53 -29.46 15.95 -10.39
C HIS H 53 -30.25 16.99 -9.60
N PRO H 54 -30.89 17.94 -10.28
CA PRO H 54 -31.54 19.05 -9.56
C PRO H 54 -32.53 18.61 -8.51
N ASP H 55 -33.23 17.50 -8.72
CA ASP H 55 -34.32 17.04 -7.86
C ASP H 55 -33.86 16.19 -6.69
N THR H 56 -32.55 15.97 -6.53
CA THR H 56 -32.02 14.93 -5.66
C THR H 56 -31.35 15.53 -4.43
N GLY H 57 -31.62 14.95 -3.25
CA GLY H 57 -30.96 15.33 -2.03
C GLY H 57 -29.79 14.39 -1.70
N ILE H 58 -29.29 14.52 -0.47
CA ILE H 58 -28.21 13.66 0.01
C ILE H 58 -28.27 13.59 1.54
N SER H 59 -28.14 12.38 2.09
CA SER H 59 -28.20 12.26 3.53
C SER H 59 -26.89 12.75 4.16
N SER H 60 -26.97 13.08 5.45
CA SER H 60 -25.79 13.54 6.15
C SER H 60 -24.65 12.51 6.06
N LYS H 61 -24.96 11.23 6.23
CA LYS H 61 -23.89 10.23 6.20
C LYS H 61 -23.26 10.14 4.82
N ALA H 62 -24.06 10.25 3.76
CA ALA H 62 -23.50 10.24 2.42
C ALA H 62 -22.61 11.45 2.19
N MET H 63 -23.01 12.60 2.73
CA MET H 63 -22.18 13.79 2.60
C MET H 63 -20.88 13.63 3.36
N GLY H 64 -20.91 12.93 4.50
CA GLY H 64 -19.66 12.58 5.17
C GLY H 64 -18.78 11.72 4.30
N ILE H 65 -19.38 10.79 3.55
CA ILE H 65 -18.56 9.97 2.65
C ILE H 65 -17.95 10.82 1.54
N MET H 66 -18.71 11.79 0.99
CA MET H 66 -18.20 12.63 -0.08
C MET H 66 -17.10 13.54 0.44
N ASN H 67 -17.21 14.03 1.66
CA ASN H 67 -16.12 14.84 2.20
C ASN H 67 -14.86 14.03 2.37
N SER H 68 -14.98 12.83 2.94
CA SER H 68 -13.81 11.97 3.05
C SER H 68 -13.17 11.71 1.67
N PHE H 69 -14.00 11.43 0.65
CA PHE H 69 -13.51 11.20 -0.71
C PHE H 69 -12.76 12.42 -1.24
N VAL H 70 -13.35 13.61 -1.13
CA VAL H 70 -12.69 14.80 -1.65
C VAL H 70 -11.35 15.02 -0.96
N ASN H 71 -11.32 14.92 0.38
CA ASN H 71 -10.04 15.13 1.07
C ASN H 71 -9.02 14.07 0.68
N ASP H 72 -9.47 12.83 0.53
CA ASP H 72 -8.59 11.73 0.12
C ASP H 72 -7.92 12.04 -1.22
N ILE H 73 -8.73 12.32 -2.24
CA ILE H 73 -8.17 12.59 -3.56
C ILE H 73 -7.26 13.81 -3.52
N PHE H 74 -7.68 14.87 -2.84
CA PHE H 74 -6.85 16.06 -2.79
C PHE H 74 -5.49 15.77 -2.18
N GLU H 75 -5.45 14.99 -1.09
CA GLU H 75 -4.14 14.73 -0.51
C GLU H 75 -3.29 13.85 -1.42
N ARG H 76 -3.91 12.92 -2.16
CA ARG H 76 -3.13 12.09 -3.09
C ARG H 76 -2.51 12.94 -4.19
N ILE H 77 -3.30 13.83 -4.79
CA ILE H 77 -2.81 14.67 -5.87
C ILE H 77 -1.77 15.65 -5.36
N ALA H 78 -2.06 16.33 -4.25
CA ALA H 78 -1.10 17.30 -3.72
C ALA H 78 0.20 16.60 -3.32
N GLY H 79 0.11 15.41 -2.74
CA GLY H 79 1.31 14.65 -2.40
C GLY H 79 2.15 14.31 -3.62
N GLU H 80 1.53 13.71 -4.63
CA GLU H 80 2.31 13.35 -5.81
C GLU H 80 2.86 14.58 -6.53
N ALA H 81 2.07 15.66 -6.60
CA ALA H 81 2.55 16.86 -7.26
C ALA H 81 3.76 17.46 -6.53
N SER H 82 3.69 17.49 -5.21
CA SER H 82 4.83 17.90 -4.41
C SER H 82 6.06 17.06 -4.72
N ARG H 83 5.89 15.72 -4.70
CA ARG H 83 7.05 14.86 -4.97
C ARG H 83 7.61 15.09 -6.37
N LEU H 84 6.73 15.27 -7.36
CA LEU H 84 7.17 15.51 -8.73
C LEU H 84 8.05 16.74 -8.81
N ALA H 85 7.60 17.83 -8.18
CA ALA H 85 8.44 19.03 -8.15
C ALA H 85 9.81 18.73 -7.57
N HIS H 86 9.86 18.04 -6.42
CA HIS H 86 11.12 17.78 -5.77
C HIS H 86 12.05 16.92 -6.64
N TYR H 87 11.51 15.82 -7.22
CA TYR H 87 12.32 14.95 -8.09
C TYR H 87 13.01 15.75 -9.16
N ASN H 88 12.40 16.83 -9.60
CA ASN H 88 12.95 17.64 -10.67
C ASN H 88 13.56 18.93 -10.13
N LYS H 89 13.91 18.94 -8.85
CA LYS H 89 14.67 20.04 -8.21
C LYS H 89 13.96 21.39 -8.35
N ARG H 90 12.63 21.38 -8.24
CA ARG H 90 11.85 22.59 -8.33
C ARG H 90 11.02 22.75 -7.06
N SER H 91 10.75 24.00 -6.70
CA SER H 91 9.98 24.29 -5.51
C SER H 91 8.57 24.78 -5.81
N THR H 92 8.22 25.00 -7.08
CA THR H 92 6.88 25.44 -7.43
C THR H 92 6.03 24.24 -7.81
N ILE H 93 4.84 24.15 -7.22
CA ILE H 93 3.79 23.26 -7.69
C ILE H 93 2.99 24.05 -8.71
N THR H 94 3.08 23.66 -9.98
CA THR H 94 2.30 24.29 -11.04
C THR H 94 1.23 23.32 -11.52
N SER H 95 0.40 23.79 -12.44
CA SER H 95 -0.61 22.91 -13.01
C SER H 95 0.01 21.77 -13.83
N ARG H 96 1.26 21.94 -14.29
CA ARG H 96 1.95 20.83 -14.93
C ARG H 96 2.20 19.68 -13.95
N GLU H 97 2.56 20.00 -12.70
CA GLU H 97 2.66 18.96 -11.69
C GLU H 97 1.31 18.34 -11.39
N ILE H 98 0.25 19.16 -11.33
CA ILE H 98 -1.08 18.61 -11.01
C ILE H 98 -1.51 17.65 -12.10
N GLN H 99 -1.28 18.03 -13.36
CA GLN H 99 -1.67 17.19 -14.49
C GLN H 99 -0.90 15.88 -14.52
N THR H 100 0.41 15.93 -14.30
CA THR H 100 1.14 14.68 -14.24
C THR H 100 0.62 13.79 -13.11
N ALA H 101 0.38 14.37 -11.93
CA ALA H 101 -0.15 13.59 -10.82
C ALA H 101 -1.49 12.97 -11.17
N VAL H 102 -2.35 13.73 -11.85
CA VAL H 102 -3.64 13.15 -12.25
C VAL H 102 -3.42 11.96 -13.17
N ARG H 103 -2.46 12.08 -14.08
CA ARG H 103 -2.19 10.95 -14.98
C ARG H 103 -1.59 9.76 -14.25
N LEU H 104 -0.89 9.99 -13.15
CA LEU H 104 -0.36 8.87 -12.39
C LEU H 104 -1.42 8.23 -11.48
N LEU H 105 -2.36 9.00 -10.97
CA LEU H 105 -3.27 8.56 -9.92
C LEU H 105 -4.63 8.10 -10.43
N LEU H 106 -5.09 8.59 -11.57
CA LEU H 106 -6.43 8.24 -12.02
C LEU H 106 -6.37 7.21 -13.14
N PRO H 107 -7.31 6.26 -13.17
CA PRO H 107 -7.19 5.07 -14.06
C PRO H 107 -7.77 5.27 -15.46
N GLY H 108 -7.05 5.94 -16.34
CA GLY H 108 -7.42 5.89 -17.74
C GLY H 108 -8.49 6.87 -18.21
N GLU H 109 -9.71 6.39 -18.47
CA GLU H 109 -10.76 7.27 -18.97
C GLU H 109 -11.04 8.41 -17.98
N LEU H 110 -11.09 8.08 -16.69
CA LEU H 110 -11.17 9.13 -15.68
C LEU H 110 -10.00 10.09 -15.81
N ALA H 111 -8.80 9.58 -16.10
CA ALA H 111 -7.65 10.48 -16.19
C ALA H 111 -7.80 11.45 -17.35
N LYS H 112 -8.15 10.93 -18.54
CA LYS H 112 -8.26 11.80 -19.71
C LYS H 112 -9.38 12.82 -19.54
N HIS H 113 -10.52 12.40 -19.00
CA HIS H 113 -11.60 13.36 -18.76
C HIS H 113 -11.19 14.41 -17.73
N ALA H 114 -10.51 13.97 -16.67
CA ALA H 114 -10.09 14.90 -15.63
C ALA H 114 -9.11 15.93 -16.17
N VAL H 115 -8.06 15.47 -16.87
CA VAL H 115 -7.14 16.37 -17.55
C VAL H 115 -7.92 17.37 -18.41
N SER H 116 -8.80 16.88 -19.27
CA SER H 116 -9.59 17.78 -20.10
C SER H 116 -10.29 18.85 -19.25
N GLU H 117 -10.88 18.45 -18.12
CA GLU H 117 -11.61 19.42 -17.30
C GLU H 117 -10.68 20.42 -16.64
N GLY H 118 -9.52 19.95 -16.15
CA GLY H 118 -8.54 20.89 -15.60
C GLY H 118 -8.07 21.89 -16.63
N THR H 119 -7.79 21.40 -17.84
CA THR H 119 -7.28 22.26 -18.90
C THR H 119 -8.31 23.31 -19.27
N LYS H 120 -9.55 22.88 -19.48
CA LYS H 120 -10.66 23.81 -19.71
C LYS H 120 -10.74 24.87 -18.62
N ALA H 121 -10.64 24.46 -17.35
CA ALA H 121 -10.76 25.42 -16.27
C ALA H 121 -9.61 26.43 -16.28
N VAL H 122 -8.39 25.95 -16.51
CA VAL H 122 -7.25 26.89 -16.53
C VAL H 122 -7.42 27.92 -17.64
N THR H 123 -7.80 27.48 -18.85
CA THR H 123 -7.88 28.46 -19.94
C THR H 123 -9.07 29.40 -19.76
N LYS H 124 -10.21 28.90 -19.29
CA LYS H 124 -11.29 29.82 -18.93
C LYS H 124 -10.80 30.84 -17.90
N TYR H 125 -9.98 30.39 -16.94
CA TYR H 125 -9.54 31.26 -15.86
C TYR H 125 -8.58 32.33 -16.34
N THR H 126 -7.66 31.97 -17.22
CA THR H 126 -6.66 32.93 -17.66
C THR H 126 -7.15 33.80 -18.81
N SER H 127 -8.33 33.52 -19.36
CA SER H 127 -8.88 34.30 -20.46
C SER H 127 -9.13 35.75 -20.04
#